data_4ZDC
#
_entry.id   4ZDC
#
_cell.length_a   117.260
_cell.length_b   117.260
_cell.length_c   219.443
_cell.angle_alpha   90.00
_cell.angle_beta   90.00
_cell.angle_gamma   90.00
#
_symmetry.space_group_name_H-M   'P 41 21 2'
#
loop_
_entity.id
_entity.type
_entity.pdbx_description
1 polymer '3,2-trans-enoyl-CoA isomerase'
2 non-polymer 'SULFATE ION'
3 non-polymer 'OCTANOYL-COENZYME A'
4 non-polymer GLYCEROL
5 water water
#
_entity_poly.entity_id   1
_entity_poly.type   'polypeptide(L)'
_entity_poly.pdbx_seq_one_letter_code
;MGSSHHHHHHSSGLVPRGSHMSQEIRQNEKISYRIEGPFFIIHLINPDNLNALEGEDYIYLGELLELADRNRDVYFTIIQ
SSGRFFSSGADFKGIAKAQGDDTNKYPSETSKWVSNFVARNVYVTDAFIKHSKVLICCLNGPAIGLSAALVALCDIVYSI
NDKVYLLYPFANLGLITEGGTTVSLPLKFGTNTTYECLMFNKPFKYDIM(CME)ENGFISKNFNMPSSNAEAFNAKVLEE
LREKVKGLYLPSCLGMKKLLKSNHIDAFNKANSVEVNESLKYWVDGEPLKRFRQLGSKQRKHRL
;
_entity_poly.pdbx_strand_id   A,B,C
#
loop_
_chem_comp.id
_chem_comp.type
_chem_comp.name
_chem_comp.formula
CO8 non-polymer 'OCTANOYL-COENZYME A' 'C29 H50 N7 O17 P3 S'
GOL non-polymer GLYCEROL 'C3 H8 O3'
SO4 non-polymer 'SULFATE ION' 'O4 S -2'
#
# COMPACT_ATOMS: atom_id res chain seq x y z
N GLU A 24 7.29 -33.62 17.75
CA GLU A 24 6.77 -34.95 17.36
C GLU A 24 5.58 -34.84 16.40
N ILE A 25 5.68 -35.48 15.24
CA ILE A 25 4.64 -35.45 14.21
C ILE A 25 4.81 -36.62 13.23
N ARG A 26 3.74 -37.09 12.61
CA ARG A 26 3.88 -38.11 11.56
C ARG A 26 4.80 -37.66 10.41
N GLN A 27 5.24 -38.63 9.64
CA GLN A 27 6.01 -38.37 8.44
C GLN A 27 5.08 -38.18 7.25
N ASN A 28 5.58 -37.47 6.26
CA ASN A 28 4.85 -37.23 5.06
C ASN A 28 5.90 -37.36 3.99
N GLU A 29 5.63 -38.17 2.98
CA GLU A 29 6.61 -38.44 1.91
C GLU A 29 6.82 -37.24 0.97
N LYS A 30 5.88 -36.29 0.97
CA LYS A 30 6.00 -35.14 0.08
C LYS A 30 6.59 -33.87 0.71
N ILE A 31 6.72 -33.85 2.03
CA ILE A 31 7.23 -32.70 2.74
C ILE A 31 8.04 -33.13 3.93
N SER A 32 9.26 -32.61 4.04
CA SER A 32 10.11 -32.92 5.19
C SER A 32 10.47 -31.64 5.93
N TYR A 33 11.08 -31.80 7.09
CA TYR A 33 11.57 -30.64 7.83
C TYR A 33 12.77 -31.00 8.67
N ARG A 34 13.55 -30.00 9.04
CA ARG A 34 14.65 -30.18 9.97
CA ARG A 34 14.64 -30.19 9.98
C ARG A 34 14.90 -28.86 10.66
N ILE A 35 15.63 -28.90 11.77
CA ILE A 35 16.02 -27.68 12.49
C ILE A 35 17.53 -27.50 12.46
N GLU A 36 18.02 -26.34 12.06
CA GLU A 36 19.46 -26.00 12.13
C GLU A 36 19.60 -24.68 12.88
N GLY A 37 20.02 -24.75 14.13
CA GLY A 37 20.18 -23.57 14.97
C GLY A 37 18.84 -22.86 15.15
N PRO A 38 18.77 -21.58 14.81
CA PRO A 38 17.51 -20.87 14.94
C PRO A 38 16.54 -21.03 13.73
N PHE A 39 16.85 -21.94 12.79
CA PHE A 39 16.10 -22.11 11.54
C PHE A 39 15.31 -23.40 11.54
N PHE A 40 13.99 -23.29 11.33
CA PHE A 40 13.14 -24.45 11.11
C PHE A 40 12.90 -24.50 9.60
N ILE A 41 13.37 -25.55 8.95
CA ILE A 41 13.39 -25.61 7.50
C ILE A 41 12.42 -26.65 7.02
N ILE A 42 11.51 -26.21 6.17
CA ILE A 42 10.46 -27.06 5.62
C ILE A 42 10.79 -27.22 4.14
N HIS A 43 10.74 -28.45 3.65
CA HIS A 43 11.15 -28.74 2.29
C HIS A 43 10.07 -29.54 1.54
N LEU A 44 9.56 -28.97 0.47
CA LEU A 44 8.61 -29.70 -0.39
C LEU A 44 9.49 -30.58 -1.33
N ILE A 45 9.27 -31.87 -1.29
CA ILE A 45 10.23 -32.84 -1.89
C ILE A 45 9.57 -33.82 -2.85
N ASN A 46 8.72 -33.28 -3.73
CA ASN A 46 8.03 -34.07 -4.73
C ASN A 46 8.09 -33.39 -6.08
N PRO A 47 9.32 -33.17 -6.60
CA PRO A 47 9.54 -32.45 -7.85
C PRO A 47 8.94 -33.16 -9.11
N ASP A 48 8.80 -34.47 -9.10
CA ASP A 48 8.21 -35.15 -10.26
C ASP A 48 6.75 -34.78 -10.48
N ASN A 49 6.05 -34.37 -9.43
CA ASN A 49 4.69 -33.90 -9.56
C ASN A 49 4.57 -32.37 -9.41
N LEU A 50 5.64 -31.66 -9.66
CA LEU A 50 5.74 -30.20 -9.49
C LEU A 50 5.26 -29.72 -8.10
N ASN A 51 5.41 -30.59 -7.10
CA ASN A 51 5.05 -30.30 -5.74
C ASN A 51 3.61 -29.83 -5.62
N ALA A 52 2.75 -30.44 -6.42
CA ALA A 52 1.32 -30.29 -6.24
C ALA A 52 0.93 -30.90 -4.91
N LEU A 53 -0.01 -30.27 -4.21
CA LEU A 53 -0.33 -30.69 -2.85
C LEU A 53 -1.79 -31.06 -2.72
N GLU A 54 -2.07 -32.14 -2.02
CA GLU A 54 -3.43 -32.53 -1.67
C GLU A 54 -3.83 -31.88 -0.37
N GLY A 55 -5.11 -31.99 -0.05
CA GLY A 55 -5.66 -31.34 1.14
C GLY A 55 -4.91 -31.69 2.41
N GLU A 56 -4.65 -32.98 2.61
CA GLU A 56 -3.92 -33.43 3.79
C GLU A 56 -2.48 -32.90 3.84
N ASP A 57 -1.91 -32.60 2.69
CA ASP A 57 -0.57 -32.00 2.65
C ASP A 57 -0.60 -30.55 3.08
N TYR A 58 -1.64 -29.80 2.69
CA TYR A 58 -1.80 -28.43 3.19
C TYR A 58 -1.96 -28.43 4.69
N ILE A 59 -2.73 -29.37 5.19
CA ILE A 59 -2.90 -29.49 6.62
C ILE A 59 -1.57 -29.78 7.31
N TYR A 60 -0.82 -30.71 6.73
CA TYR A 60 0.47 -31.07 7.27
C TYR A 60 1.38 -29.85 7.32
N LEU A 61 1.36 -29.08 6.25
CA LEU A 61 2.14 -27.86 6.23
C LEU A 61 1.74 -26.91 7.41
N GLY A 62 0.44 -26.79 7.67
CA GLY A 62 -0.02 -25.95 8.79
C GLY A 62 0.46 -26.48 10.12
N GLU A 63 0.42 -27.81 10.27
CA GLU A 63 0.94 -28.45 11.46
C GLU A 63 2.41 -28.21 11.69
N LEU A 64 3.19 -28.19 10.62
CA LEU A 64 4.61 -27.92 10.73
C LEU A 64 4.85 -26.48 11.15
N LEU A 65 4.11 -25.53 10.58
CA LEU A 65 4.21 -24.15 11.06
C LEU A 65 3.91 -24.06 12.55
N GLU A 66 2.90 -24.78 13.02
CA GLU A 66 2.51 -24.68 14.43
C GLU A 66 3.55 -25.32 15.34
N LEU A 67 4.24 -26.34 14.83
CA LEU A 67 5.34 -26.97 15.52
C LEU A 67 6.51 -26.01 15.63
N ALA A 68 6.88 -25.39 14.53
CA ALA A 68 7.90 -24.38 14.56
C ALA A 68 7.56 -23.23 15.51
N ASP A 69 6.29 -22.86 15.56
CA ASP A 69 5.86 -21.72 16.35
C ASP A 69 6.00 -21.98 17.85
N ARG A 70 5.87 -23.23 18.26
CA ARG A 70 6.00 -23.63 19.67
C ARG A 70 7.43 -23.89 20.11
N ASN A 71 8.38 -23.89 19.19
CA ASN A 71 9.76 -24.20 19.53
C ASN A 71 10.52 -22.93 19.86
N ARG A 72 10.88 -22.79 21.13
CA ARG A 72 11.53 -21.59 21.60
C ARG A 72 12.90 -21.31 21.03
N ASP A 73 13.59 -22.30 20.46
CA ASP A 73 14.87 -22.05 19.81
C ASP A 73 14.75 -21.55 18.38
N VAL A 74 13.57 -21.66 17.77
CA VAL A 74 13.34 -21.26 16.38
C VAL A 74 12.97 -19.79 16.28
N TYR A 75 13.69 -19.07 15.45
CA TYR A 75 13.38 -17.67 15.16
C TYR A 75 12.91 -17.43 13.72
N PHE A 76 13.22 -18.36 12.82
CA PHE A 76 12.94 -18.24 11.38
C PHE A 76 12.42 -19.57 10.89
N THR A 77 11.36 -19.51 10.08
CA THR A 77 10.78 -20.70 9.47
C THR A 77 11.00 -20.50 7.99
N ILE A 78 11.71 -21.44 7.37
CA ILE A 78 12.13 -21.29 5.99
C ILE A 78 11.43 -22.36 5.18
N ILE A 79 10.73 -21.94 4.14
CA ILE A 79 10.03 -22.88 3.25
C ILE A 79 10.77 -22.96 1.91
N GLN A 80 11.18 -24.17 1.58
CA GLN A 80 11.98 -24.46 0.39
C GLN A 80 11.31 -25.54 -0.39
N SER A 81 11.56 -25.56 -1.68
CA SER A 81 10.94 -26.59 -2.53
C SER A 81 12.05 -27.25 -3.40
N SER A 82 11.64 -27.93 -4.47
CA SER A 82 12.51 -28.80 -5.24
C SER A 82 12.10 -28.79 -6.69
N GLY A 83 13.08 -28.97 -7.58
CA GLY A 83 12.77 -29.06 -9.00
C GLY A 83 12.57 -27.69 -9.59
N ARG A 84 11.79 -27.62 -10.64
CA ARG A 84 11.64 -26.39 -11.43
C ARG A 84 10.43 -25.53 -11.03
N PHE A 85 9.53 -26.10 -10.26
CA PHE A 85 8.40 -25.40 -9.65
C PHE A 85 8.49 -25.34 -8.13
N PHE A 86 8.09 -24.22 -7.56
CA PHE A 86 7.86 -24.17 -6.12
C PHE A 86 6.70 -25.10 -5.80
N SER A 87 5.58 -24.89 -6.45
CA SER A 87 4.43 -25.75 -6.34
C SER A 87 3.41 -25.37 -7.40
N SER A 88 2.86 -26.36 -8.07
CA SER A 88 1.82 -26.13 -9.07
C SER A 88 0.44 -26.03 -8.43
N GLY A 89 0.36 -26.12 -7.12
CA GLY A 89 -0.88 -25.82 -6.44
C GLY A 89 -1.58 -27.07 -5.98
N ALA A 90 -2.89 -26.98 -5.82
CA ALA A 90 -3.69 -28.10 -5.36
C ALA A 90 -3.66 -29.21 -6.39
N ASP A 91 -3.52 -30.44 -5.90
CA ASP A 91 -3.43 -31.62 -6.73
C ASP A 91 -4.82 -31.96 -7.25
N PHE A 92 -4.97 -31.91 -8.57
CA PHE A 92 -6.26 -32.18 -9.23
C PHE A 92 -6.72 -33.64 -9.12
N LYS A 93 -5.79 -34.59 -9.18
CA LYS A 93 -6.12 -36.00 -8.96
C LYS A 93 -6.77 -36.24 -7.60
N GLY A 94 -6.22 -35.63 -6.55
CA GLY A 94 -6.81 -35.69 -5.22
C GLY A 94 -8.18 -35.05 -5.17
N ILE A 95 -8.36 -33.94 -5.89
CA ILE A 95 -9.66 -33.25 -6.01
C ILE A 95 -10.73 -34.18 -6.65
N ALA A 96 -10.34 -34.87 -7.72
CA ALA A 96 -11.20 -35.85 -8.40
C ALA A 96 -11.56 -37.01 -7.47
N LYS A 97 -10.63 -37.40 -6.60
CA LYS A 97 -10.90 -38.40 -5.58
C LYS A 97 -12.02 -37.97 -4.63
N ALA A 98 -12.03 -36.69 -4.25
CA ALA A 98 -13.09 -36.13 -3.42
C ALA A 98 -14.44 -35.92 -4.17
N GLN A 99 -14.59 -36.51 -5.36
CA GLN A 99 -15.81 -36.46 -6.18
C GLN A 99 -16.29 -37.88 -6.57
N GLY A 100 -15.35 -38.74 -7.01
CA GLY A 100 -15.63 -40.15 -7.14
C GLY A 100 -15.90 -40.76 -5.78
N ASP A 101 -16.77 -41.76 -5.72
CA ASP A 101 -17.09 -42.46 -4.46
C ASP A 101 -16.64 -43.93 -4.56
N ASP A 102 -15.89 -44.48 -3.59
CA ASP A 102 -15.59 -43.89 -2.27
C ASP A 102 -16.87 -43.73 -1.42
N THR A 103 -17.45 -44.89 -1.06
CA THR A 103 -18.74 -45.04 -0.32
C THR A 103 -19.78 -43.94 -0.63
N ASN A 104 -19.97 -42.98 0.28
CA ASN A 104 -20.67 -41.74 -0.06
C ASN A 104 -19.71 -40.55 0.12
N LYS A 105 -19.26 -40.23 1.34
CA LYS A 105 -19.89 -40.63 2.62
C LYS A 105 -20.45 -39.37 3.29
N TYR A 106 -21.14 -38.55 2.48
CA TYR A 106 -21.58 -37.22 2.89
C TYR A 106 -23.04 -37.00 2.55
N PRO A 107 -23.82 -36.45 3.48
CA PRO A 107 -25.25 -36.25 3.24
C PRO A 107 -25.59 -35.27 2.12
N SER A 108 -24.64 -34.43 1.72
CA SER A 108 -24.86 -33.45 0.65
C SER A 108 -23.53 -33.00 0.06
N GLU A 109 -23.62 -32.36 -1.10
CA GLU A 109 -22.48 -31.71 -1.74
C GLU A 109 -21.89 -30.65 -0.80
N THR A 110 -22.76 -29.84 -0.19
CA THR A 110 -22.31 -28.85 0.78
C THR A 110 -21.48 -29.51 1.88
N SER A 111 -21.99 -30.55 2.50
CA SER A 111 -21.26 -31.21 3.56
C SER A 111 -19.89 -31.75 3.09
N LYS A 112 -19.85 -32.26 1.86
CA LYS A 112 -18.60 -32.76 1.33
C LYS A 112 -17.55 -31.65 1.18
N TRP A 113 -17.96 -30.54 0.59
CA TRP A 113 -17.04 -29.45 0.35
C TRP A 113 -16.66 -28.70 1.64
N VAL A 114 -17.54 -28.69 2.63
CA VAL A 114 -17.21 -28.12 3.92
C VAL A 114 -16.06 -28.91 4.52
N SER A 115 -16.17 -30.22 4.47
CA SER A 115 -15.07 -31.07 4.97
C SER A 115 -13.78 -31.07 4.14
N ASN A 116 -13.90 -31.11 2.82
CA ASN A 116 -12.74 -31.23 1.97
C ASN A 116 -12.04 -29.90 1.66
N PHE A 117 -12.80 -28.85 1.41
CA PHE A 117 -12.20 -27.59 0.98
C PHE A 117 -12.17 -26.55 2.10
N VAL A 118 -13.34 -26.28 2.67
CA VAL A 118 -13.48 -25.21 3.64
C VAL A 118 -12.50 -25.40 4.79
N ALA A 119 -12.50 -26.61 5.33
CA ALA A 119 -11.78 -26.95 6.51
C ALA A 119 -10.28 -26.82 6.34
N ARG A 120 -9.75 -27.45 5.31
N ARG A 120 -9.74 -27.44 5.29
CA ARG A 120 -8.33 -27.35 5.00
CA ARG A 120 -8.34 -27.39 5.05
C ARG A 120 -7.88 -25.94 4.77
C ARG A 120 -7.87 -25.96 4.75
N ASN A 121 -8.62 -25.21 3.94
CA ASN A 121 -8.22 -23.85 3.59
C ASN A 121 -8.21 -22.95 4.80
N VAL A 122 -9.21 -23.06 5.66
CA VAL A 122 -9.32 -22.13 6.77
C VAL A 122 -8.19 -22.42 7.78
N TYR A 123 -7.82 -23.70 7.90
CA TYR A 123 -6.80 -24.12 8.84
C TYR A 123 -5.39 -23.69 8.40
N VAL A 124 -5.03 -23.97 7.13
CA VAL A 124 -3.67 -23.68 6.69
C VAL A 124 -3.47 -22.19 6.54
N THR A 125 -4.47 -21.49 6.07
CA THR A 125 -4.34 -20.02 5.92
C THR A 125 -4.13 -19.38 7.29
N ASP A 126 -4.91 -19.84 8.27
CA ASP A 126 -4.76 -19.36 9.62
C ASP A 126 -3.36 -19.63 10.20
N ALA A 127 -2.80 -20.81 9.92
CA ALA A 127 -1.48 -21.14 10.44
C ALA A 127 -0.43 -20.17 9.93
N PHE A 128 -0.54 -19.77 8.67
CA PHE A 128 0.37 -18.74 8.11
C PHE A 128 0.11 -17.38 8.70
N ILE A 129 -1.16 -16.97 8.76
CA ILE A 129 -1.51 -15.61 9.21
C ILE A 129 -0.97 -15.37 10.61
N LYS A 130 -1.13 -16.35 11.51
CA LYS A 130 -0.77 -16.11 12.91
C LYS A 130 0.68 -16.46 13.29
N HIS A 131 1.44 -16.99 12.35
CA HIS A 131 2.78 -17.52 12.64
C HIS A 131 3.68 -16.41 13.22
N SER A 132 4.32 -16.69 14.34
CA SER A 132 5.07 -15.63 15.06
C SER A 132 6.55 -15.58 14.72
N LYS A 133 7.06 -16.62 14.07
CA LYS A 133 8.45 -16.63 13.64
C LYS A 133 8.55 -15.94 12.27
N VAL A 134 9.75 -15.46 11.94
CA VAL A 134 9.96 -14.83 10.64
C VAL A 134 9.88 -15.89 9.56
N LEU A 135 9.00 -15.69 8.61
CA LEU A 135 8.64 -16.69 7.64
C LEU A 135 9.20 -16.30 6.26
N ILE A 136 10.10 -17.15 5.76
CA ILE A 136 10.89 -16.85 4.58
C ILE A 136 10.63 -17.91 3.52
N CYS A 137 10.30 -17.44 2.33
CA CYS A 137 10.01 -18.37 1.22
C CYS A 137 11.16 -18.35 0.22
N CYS A 138 11.67 -19.54 -0.10
CA CYS A 138 12.70 -19.68 -1.15
C CYS A 138 12.02 -20.11 -2.43
N LEU A 139 11.85 -19.15 -3.31
CA LEU A 139 11.07 -19.38 -4.49
C LEU A 139 11.97 -19.90 -5.63
N ASN A 140 11.93 -21.22 -5.79
CA ASN A 140 12.81 -21.92 -6.76
C ASN A 140 12.19 -22.09 -8.12
N GLY A 141 11.01 -21.50 -8.33
CA GLY A 141 10.30 -21.60 -9.58
C GLY A 141 8.89 -21.10 -9.35
N PRO A 142 8.02 -21.30 -10.32
CA PRO A 142 6.70 -20.74 -10.18
C PRO A 142 5.85 -21.35 -9.08
N ALA A 143 4.88 -20.56 -8.60
CA ALA A 143 3.88 -21.07 -7.65
C ALA A 143 2.50 -20.71 -8.17
N ILE A 144 1.56 -21.61 -7.92
CA ILE A 144 0.24 -21.51 -8.48
C ILE A 144 -0.84 -21.73 -7.43
N GLY A 145 -1.91 -20.94 -7.50
CA GLY A 145 -3.11 -21.22 -6.67
C GLY A 145 -2.88 -21.04 -5.17
N LEU A 146 -3.37 -21.97 -4.38
CA LEU A 146 -3.28 -21.90 -2.95
C LEU A 146 -1.82 -21.86 -2.54
N SER A 147 -0.94 -22.54 -3.27
CA SER A 147 0.50 -22.48 -2.94
C SER A 147 1.06 -21.11 -3.15
N ALA A 148 0.67 -20.46 -4.23
CA ALA A 148 1.05 -19.07 -4.45
C ALA A 148 0.47 -18.11 -3.39
N ALA A 149 -0.69 -18.45 -2.87
CA ALA A 149 -1.31 -17.64 -1.80
C ALA A 149 -0.41 -17.69 -0.57
N LEU A 150 0.10 -18.87 -0.27
CA LEU A 150 0.97 -19.04 0.89
C LEU A 150 2.29 -18.30 0.74
N VAL A 151 2.83 -18.28 -0.47
CA VAL A 151 4.01 -17.48 -0.74
C VAL A 151 3.75 -16.00 -0.45
N ALA A 152 2.59 -15.51 -0.84
CA ALA A 152 2.22 -14.10 -0.60
C ALA A 152 1.96 -13.78 0.90
N LEU A 153 1.76 -14.81 1.73
CA LEU A 153 1.67 -14.63 3.17
C LEU A 153 3.02 -14.66 3.93
N CYS A 154 4.09 -15.06 3.28
CA CYS A 154 5.41 -15.04 3.90
C CYS A 154 5.91 -13.60 4.09
N ASP A 155 6.78 -13.43 5.07
CA ASP A 155 7.34 -12.11 5.36
C ASP A 155 8.42 -11.67 4.37
N ILE A 156 9.19 -12.62 3.87
CA ILE A 156 10.32 -12.35 2.98
C ILE A 156 10.40 -13.44 1.91
N VAL A 157 10.68 -13.04 0.69
CA VAL A 157 10.76 -13.96 -0.43
C VAL A 157 12.07 -13.75 -1.21
N TYR A 158 12.78 -14.85 -1.42
CA TYR A 158 13.98 -14.83 -2.27
C TYR A 158 13.70 -15.66 -3.53
N SER A 159 14.13 -15.18 -4.69
CA SER A 159 13.90 -15.91 -5.94
C SER A 159 15.19 -16.54 -6.50
N ILE A 160 15.04 -17.69 -7.14
CA ILE A 160 16.18 -18.38 -7.76
C ILE A 160 16.70 -17.66 -9.00
N ASN A 161 15.79 -17.19 -9.83
CA ASN A 161 16.14 -16.41 -11.02
C ASN A 161 14.92 -15.64 -11.50
N ASP A 162 15.09 -14.89 -12.58
CA ASP A 162 14.03 -14.00 -13.08
C ASP A 162 12.98 -14.69 -13.90
N LYS A 163 12.88 -16.01 -13.83
CA LYS A 163 11.81 -16.72 -14.51
C LYS A 163 10.70 -17.13 -13.54
N VAL A 164 10.86 -16.88 -12.26
CA VAL A 164 9.76 -17.19 -11.33
C VAL A 164 8.54 -16.32 -11.67
N TYR A 165 7.36 -16.85 -11.36
CA TYR A 165 6.13 -16.06 -11.41
C TYR A 165 5.15 -16.63 -10.40
N LEU A 166 4.12 -15.86 -10.07
CA LEU A 166 3.00 -16.37 -9.28
C LEU A 166 1.75 -16.33 -10.16
N LEU A 167 0.97 -17.40 -10.14
CA LEU A 167 -0.26 -17.42 -10.90
C LEU A 167 -1.43 -17.79 -10.00
N TYR A 168 -2.49 -17.00 -10.09
CA TYR A 168 -3.70 -17.25 -9.32
C TYR A 168 -4.83 -17.45 -10.32
N PRO A 169 -5.05 -18.69 -10.73
CA PRO A 169 -5.93 -18.95 -11.88
C PRO A 169 -7.38 -19.14 -11.49
N PHE A 170 -7.85 -18.39 -10.51
CA PHE A 170 -9.20 -18.64 -9.98
C PHE A 170 -10.31 -18.42 -11.03
N ALA A 171 -10.16 -17.39 -11.86
CA ALA A 171 -11.14 -17.07 -12.85
C ALA A 171 -11.26 -18.18 -13.90
N ASN A 172 -10.15 -18.85 -14.17
CA ASN A 172 -10.16 -19.95 -15.11
C ASN A 172 -10.63 -21.26 -14.52
N LEU A 173 -10.50 -21.43 -13.21
CA LEU A 173 -11.02 -22.60 -12.56
C LEU A 173 -12.45 -22.49 -12.06
N GLY A 174 -13.08 -21.33 -12.20
CA GLY A 174 -14.43 -21.13 -11.63
C GLY A 174 -14.45 -21.01 -10.10
N LEU A 175 -13.40 -20.41 -9.54
CA LEU A 175 -13.26 -20.21 -8.10
C LEU A 175 -13.06 -18.73 -7.80
N ILE A 176 -12.80 -18.40 -6.52
CA ILE A 176 -12.50 -17.04 -6.12
C ILE A 176 -11.20 -17.01 -5.31
N THR A 177 -10.88 -15.87 -4.70
CA THR A 177 -9.66 -15.70 -3.97
C THR A 177 -9.57 -16.70 -2.82
N GLU A 178 -8.35 -17.20 -2.61
CA GLU A 178 -8.06 -18.17 -1.54
C GLU A 178 -6.78 -17.79 -0.79
N GLY A 179 -6.63 -18.37 0.39
CA GLY A 179 -5.43 -18.23 1.19
C GLY A 179 -5.06 -16.81 1.56
N GLY A 180 -6.06 -15.95 1.74
CA GLY A 180 -5.84 -14.58 2.10
C GLY A 180 -5.45 -13.63 1.00
N THR A 181 -5.51 -14.10 -0.26
CA THR A 181 -5.10 -13.28 -1.39
C THR A 181 -5.98 -12.05 -1.55
N THR A 182 -7.21 -12.11 -1.04
CA THR A 182 -8.10 -10.93 -1.01
C THR A 182 -7.40 -9.76 -0.40
N VAL A 183 -6.60 -10.01 0.62
CA VAL A 183 -5.85 -8.94 1.30
C VAL A 183 -4.40 -8.82 0.82
N SER A 184 -3.71 -9.95 0.68
CA SER A 184 -2.28 -9.93 0.41
C SER A 184 -1.91 -9.40 -0.95
N LEU A 185 -2.71 -9.70 -1.97
CA LEU A 185 -2.33 -9.22 -3.30
C LEU A 185 -2.45 -7.72 -3.47
N PRO A 186 -3.58 -7.12 -3.09
CA PRO A 186 -3.59 -5.66 -3.18
C PRO A 186 -2.55 -4.98 -2.29
N LEU A 187 -2.32 -5.55 -1.12
CA LEU A 187 -1.33 -5.01 -0.20
C LEU A 187 0.09 -5.06 -0.79
N LYS A 188 0.44 -6.16 -1.44
CA LYS A 188 1.84 -6.35 -1.88
C LYS A 188 2.08 -6.01 -3.35
N PHE A 189 1.03 -5.95 -4.17
CA PHE A 189 1.18 -5.62 -5.60
C PHE A 189 0.39 -4.43 -6.05
N GLY A 190 -0.43 -3.85 -5.17
CA GLY A 190 -1.33 -2.77 -5.54
C GLY A 190 -2.65 -3.29 -6.08
N THR A 191 -3.66 -2.46 -5.98
CA THR A 191 -5.01 -2.85 -6.35
C THR A 191 -5.16 -3.01 -7.86
N ASN A 192 -4.75 -2.01 -8.64
CA ASN A 192 -4.99 -2.06 -10.09
C ASN A 192 -4.26 -3.27 -10.72
N THR A 193 -3.02 -3.51 -10.32
CA THR A 193 -2.28 -4.70 -10.83
C THR A 193 -2.95 -5.98 -10.44
N THR A 194 -3.46 -6.04 -9.21
CA THR A 194 -4.18 -7.22 -8.75
C THR A 194 -5.42 -7.51 -9.59
N TYR A 195 -6.21 -6.48 -9.92
CA TYR A 195 -7.42 -6.71 -10.74
C TYR A 195 -7.05 -7.21 -12.15
N GLU A 196 -6.05 -6.62 -12.77
CA GLU A 196 -5.60 -7.06 -14.10
C GLU A 196 -5.20 -8.52 -14.06
N CYS A 197 -4.40 -8.91 -13.08
CA CYS A 197 -3.98 -10.32 -12.96
C CYS A 197 -5.09 -11.29 -12.58
N LEU A 198 -5.92 -10.94 -11.61
CA LEU A 198 -6.92 -11.89 -11.15
C LEU A 198 -8.10 -11.99 -12.09
N MET A 199 -8.55 -10.85 -12.61
CA MET A 199 -9.74 -10.86 -13.46
C MET A 199 -9.47 -11.60 -14.77
N PHE A 200 -8.25 -11.53 -15.27
CA PHE A 200 -7.91 -12.07 -16.58
C PHE A 200 -6.97 -13.27 -16.51
N ASN A 201 -6.77 -13.82 -15.32
CA ASN A 201 -5.96 -15.00 -15.14
C ASN A 201 -4.55 -14.81 -15.72
N LYS A 202 -3.88 -13.74 -15.35
CA LYS A 202 -2.55 -13.44 -15.78
C LYS A 202 -1.57 -13.51 -14.62
N PRO A 203 -0.34 -13.94 -14.90
CA PRO A 203 0.64 -14.14 -13.82
C PRO A 203 1.17 -12.86 -13.28
N PHE A 204 1.55 -12.86 -12.01
CA PHE A 204 2.40 -11.78 -11.45
C PHE A 204 3.82 -12.22 -11.76
N LYS A 205 4.42 -11.58 -12.74
CA LYS A 205 5.73 -12.00 -13.21
C LYS A 205 6.83 -11.40 -12.40
N TYR A 206 8.02 -11.93 -12.62
CA TYR A 206 9.21 -11.44 -11.97
C TYR A 206 9.32 -9.92 -11.94
N ASP A 207 9.13 -9.27 -13.08
CA ASP A 207 9.30 -7.80 -13.12
C ASP A 207 8.34 -7.06 -12.18
N ILE A 208 7.08 -7.50 -12.14
CA ILE A 208 6.10 -6.95 -11.21
C ILE A 208 6.48 -7.24 -9.77
N MET A 209 6.95 -8.44 -9.50
CA MET A 209 7.42 -8.78 -8.17
C MET A 209 8.57 -7.88 -7.73
N CME A 210 9.54 -7.62 -8.61
CA CME A 210 10.71 -6.79 -8.27
CB CME A 210 11.89 -6.83 -9.28
SG CME A 210 12.92 -8.23 -8.98
SD CME A 210 14.13 -7.90 -7.31
CE CME A 210 15.89 -8.09 -7.62
CZ CME A 210 16.82 -7.57 -6.47
OH CME A 210 18.00 -8.38 -6.16
C CME A 210 10.28 -5.37 -8.10
O CME A 210 10.72 -4.69 -7.18
N GLU A 211 9.43 -4.88 -8.97
CA GLU A 211 9.00 -3.47 -8.89
C GLU A 211 8.21 -3.17 -7.62
N ASN A 212 7.50 -4.14 -7.06
CA ASN A 212 6.79 -3.91 -5.81
C ASN A 212 7.57 -4.30 -4.58
N GLY A 213 8.86 -4.63 -4.75
CA GLY A 213 9.68 -5.10 -3.64
C GLY A 213 9.21 -6.41 -3.02
N PHE A 214 8.46 -7.22 -3.76
CA PHE A 214 7.98 -8.48 -3.24
C PHE A 214 9.14 -9.47 -3.01
N ILE A 215 10.09 -9.43 -3.92
CA ILE A 215 11.27 -10.27 -3.83
C ILE A 215 12.33 -9.44 -3.22
N SER A 216 12.96 -9.93 -2.15
CA SER A 216 14.01 -9.14 -1.53
C SER A 216 15.39 -9.40 -2.15
N LYS A 217 15.60 -10.56 -2.73
CA LYS A 217 16.83 -10.80 -3.46
C LYS A 217 16.62 -11.87 -4.50
N ASN A 218 17.10 -11.60 -5.71
CA ASN A 218 17.19 -12.57 -6.78
C ASN A 218 18.60 -13.15 -6.82
N PHE A 219 18.72 -14.47 -6.72
CA PHE A 219 20.02 -15.11 -6.63
C PHE A 219 20.62 -15.38 -8.01
N ASN A 220 19.80 -15.28 -9.03
CA ASN A 220 20.26 -15.45 -10.41
C ASN A 220 21.05 -16.73 -10.62
N MET A 221 20.44 -17.86 -10.31
CA MET A 221 21.01 -19.16 -10.44
C MET A 221 20.19 -19.92 -11.41
N PRO A 222 20.76 -20.99 -12.00
CA PRO A 222 19.98 -21.80 -12.93
C PRO A 222 18.86 -22.63 -12.29
N SER A 223 17.75 -22.78 -13.01
CA SER A 223 16.58 -23.53 -12.55
C SER A 223 16.80 -25.01 -12.38
N SER A 224 17.90 -25.50 -12.91
CA SER A 224 18.18 -26.92 -12.82
C SER A 224 18.76 -27.29 -11.46
N ASN A 225 19.08 -26.33 -10.59
CA ASN A 225 19.59 -26.69 -9.28
C ASN A 225 19.00 -25.90 -8.08
N ALA A 226 17.77 -26.24 -7.77
CA ALA A 226 17.06 -25.72 -6.60
C ALA A 226 17.84 -25.99 -5.33
N GLU A 227 18.48 -27.14 -5.32
CA GLU A 227 19.28 -27.55 -4.19
C GLU A 227 20.43 -26.59 -3.87
N ALA A 228 21.11 -26.15 -4.90
CA ALA A 228 22.19 -25.22 -4.69
C ALA A 228 21.66 -23.87 -4.24
N PHE A 229 20.55 -23.47 -4.83
CA PHE A 229 19.86 -22.22 -4.44
C PHE A 229 19.45 -22.31 -2.96
N ASN A 230 18.78 -23.38 -2.59
CA ASN A 230 18.34 -23.54 -1.21
C ASN A 230 19.48 -23.48 -0.22
N ALA A 231 20.61 -24.08 -0.57
CA ALA A 231 21.76 -24.07 0.32
C ALA A 231 22.35 -22.69 0.41
N LYS A 232 22.41 -22.02 -0.72
CA LYS A 232 22.97 -20.68 -0.77
C LYS A 232 22.14 -19.68 0.04
N VAL A 233 20.82 -19.80 0.01
CA VAL A 233 19.98 -18.93 0.87
C VAL A 233 20.30 -19.19 2.35
N LEU A 234 20.37 -20.47 2.73
CA LEU A 234 20.65 -20.78 4.11
C LEU A 234 22.01 -20.26 4.56
N GLU A 235 22.97 -20.33 3.67
CA GLU A 235 24.30 -19.83 3.95
C GLU A 235 24.31 -18.33 4.18
N GLU A 236 23.64 -17.58 3.32
CA GLU A 236 23.52 -16.14 3.53
C GLU A 236 22.76 -15.80 4.79
N LEU A 237 21.69 -16.52 5.08
CA LEU A 237 20.95 -16.30 6.33
C LEU A 237 21.81 -16.50 7.58
N ARG A 238 22.64 -17.56 7.62
CA ARG A 238 23.56 -17.76 8.77
C ARG A 238 24.49 -16.58 8.96
N GLU A 239 24.93 -16.00 7.86
CA GLU A 239 25.77 -14.81 7.93
C GLU A 239 24.97 -13.61 8.42
N LYS A 240 23.77 -13.39 7.85
CA LYS A 240 22.99 -12.19 8.18
C LYS A 240 22.52 -12.16 9.62
N VAL A 241 22.30 -13.30 10.26
CA VAL A 241 21.83 -13.25 11.64
C VAL A 241 22.92 -12.97 12.68
N LYS A 242 24.19 -13.03 12.28
CA LYS A 242 25.27 -12.88 13.24
C LYS A 242 25.21 -11.52 13.86
N GLY A 243 25.29 -11.48 15.19
CA GLY A 243 25.29 -10.21 15.91
C GLY A 243 23.92 -9.65 16.21
N LEU A 244 22.88 -10.17 15.57
CA LEU A 244 21.53 -9.68 15.85
C LEU A 244 21.03 -10.22 17.14
N TYR A 245 20.22 -9.43 17.83
CA TYR A 245 19.46 -9.92 18.96
C TYR A 245 18.13 -10.50 18.49
N LEU A 246 18.06 -11.82 18.43
CA LEU A 246 16.98 -12.46 17.74
C LEU A 246 15.58 -12.23 18.39
N PRO A 247 15.50 -12.02 19.71
CA PRO A 247 14.18 -11.74 20.26
C PRO A 247 13.62 -10.42 19.76
N SER A 248 14.48 -9.49 19.34
CA SER A 248 14.02 -8.26 18.73
C SER A 248 13.31 -8.51 17.42
N CYS A 249 13.80 -9.47 16.63
CA CYS A 249 13.14 -9.82 15.36
C CYS A 249 11.70 -10.23 15.62
N LEU A 250 11.49 -11.08 16.61
CA LEU A 250 10.18 -11.56 16.95
C LEU A 250 9.30 -10.49 17.54
N GLY A 251 9.88 -9.64 18.36
CA GLY A 251 9.15 -8.53 18.97
C GLY A 251 8.70 -7.56 17.90
N MET A 252 9.56 -7.28 16.95
CA MET A 252 9.19 -6.39 15.84
C MET A 252 8.08 -7.03 14.96
N LYS A 253 8.20 -8.31 14.68
CA LYS A 253 7.19 -8.97 13.86
C LYS A 253 5.85 -8.95 14.58
N LYS A 254 5.87 -9.10 15.90
CA LYS A 254 4.64 -9.14 16.62
C LYS A 254 3.86 -7.80 16.44
N LEU A 255 4.56 -6.68 16.42
CA LEU A 255 3.95 -5.41 16.16
C LEU A 255 3.57 -5.21 14.69
N LEU A 256 4.44 -5.60 13.77
CA LEU A 256 4.14 -5.45 12.35
C LEU A 256 2.90 -6.24 11.95
N LYS A 257 2.75 -7.46 12.47
CA LYS A 257 1.62 -8.32 12.19
C LYS A 257 0.27 -7.66 12.55
N SER A 258 0.25 -6.83 13.59
CA SER A 258 -0.97 -6.21 14.04
C SER A 258 -1.51 -5.19 13.02
N ASN A 259 -0.72 -4.75 12.06
CA ASN A 259 -1.26 -3.83 11.07
C ASN A 259 -2.45 -4.44 10.28
N HIS A 260 -2.40 -5.72 9.92
CA HIS A 260 -3.40 -6.29 9.01
C HIS A 260 -3.98 -7.58 9.51
N ILE A 261 -3.69 -7.94 10.75
CA ILE A 261 -4.12 -9.24 11.26
C ILE A 261 -5.65 -9.39 11.18
N ASP A 262 -6.40 -8.34 11.53
CA ASP A 262 -7.85 -8.38 11.51
C ASP A 262 -8.40 -8.58 10.11
N ALA A 263 -7.86 -7.84 9.15
CA ALA A 263 -8.28 -7.99 7.78
C ALA A 263 -7.97 -9.41 7.25
N PHE A 264 -6.84 -9.99 7.62
CA PHE A 264 -6.53 -11.35 7.18
C PHE A 264 -7.47 -12.35 7.79
N ASN A 265 -7.76 -12.22 9.07
CA ASN A 265 -8.67 -13.17 9.69
C ASN A 265 -10.10 -13.07 9.16
N LYS A 266 -10.56 -11.86 8.92
CA LYS A 266 -11.86 -11.63 8.31
C LYS A 266 -11.90 -12.22 6.90
N ALA A 267 -10.85 -11.98 6.11
CA ALA A 267 -10.82 -12.49 4.75
C ALA A 267 -10.80 -14.01 4.72
N ASN A 268 -10.13 -14.63 5.67
CA ASN A 268 -10.02 -16.11 5.67
C ASN A 268 -11.41 -16.76 5.77
N SER A 269 -12.18 -16.33 6.76
CA SER A 269 -13.54 -16.78 6.96
C SER A 269 -14.46 -16.56 5.76
N VAL A 270 -14.41 -15.38 5.19
CA VAL A 270 -15.24 -15.04 4.08
C VAL A 270 -14.83 -15.76 2.78
N GLU A 271 -13.55 -15.83 2.48
CA GLU A 271 -13.09 -16.53 1.29
C GLU A 271 -13.58 -17.98 1.27
N VAL A 272 -13.42 -18.63 2.38
CA VAL A 272 -13.66 -20.08 2.45
C VAL A 272 -15.18 -20.37 2.34
N ASN A 273 -16.00 -19.55 2.99
CA ASN A 273 -17.44 -19.70 2.89
C ASN A 273 -18.00 -19.28 1.55
N GLU A 274 -17.48 -18.20 0.97
CA GLU A 274 -17.98 -17.75 -0.33
C GLU A 274 -17.57 -18.68 -1.48
N SER A 275 -16.49 -19.43 -1.33
CA SER A 275 -16.12 -20.41 -2.35
C SER A 275 -17.10 -21.55 -2.50
N LEU A 276 -17.80 -21.88 -1.41
CA LEU A 276 -18.67 -23.04 -1.39
C LEU A 276 -19.65 -23.10 -2.52
N LYS A 277 -20.32 -21.99 -2.83
CA LYS A 277 -21.33 -22.01 -3.90
C LYS A 277 -20.68 -22.34 -5.24
N TYR A 278 -19.38 -22.05 -5.41
CA TYR A 278 -18.68 -22.32 -6.69
C TYR A 278 -18.44 -23.84 -6.77
N TRP A 279 -18.01 -24.46 -5.67
CA TRP A 279 -17.83 -25.91 -5.66
C TRP A 279 -19.14 -26.67 -5.80
N VAL A 280 -20.14 -26.24 -5.06
CA VAL A 280 -21.45 -26.89 -5.07
C VAL A 280 -22.16 -26.76 -6.42
N ASP A 281 -22.04 -25.62 -7.07
CA ASP A 281 -22.54 -25.45 -8.42
C ASP A 281 -21.86 -26.40 -9.43
N GLY A 282 -20.61 -26.81 -9.18
CA GLY A 282 -19.94 -27.82 -10.00
C GLY A 282 -18.92 -27.30 -11.02
N GLU A 283 -18.96 -26.01 -11.33
CA GLU A 283 -18.07 -25.46 -12.35
C GLU A 283 -16.58 -25.86 -12.17
N PRO A 284 -16.03 -25.78 -10.96
CA PRO A 284 -14.59 -26.04 -10.83
C PRO A 284 -14.24 -27.49 -11.16
N LEU A 285 -15.18 -28.40 -10.91
CA LEU A 285 -14.97 -29.82 -11.18
C LEU A 285 -14.90 -30.09 -12.69
N LYS A 286 -15.85 -29.55 -13.44
CA LYS A 286 -15.77 -29.56 -14.92
C LYS A 286 -14.42 -29.06 -15.39
N ARG A 287 -14.05 -27.87 -14.97
CA ARG A 287 -12.82 -27.23 -15.41
C ARG A 287 -11.54 -27.87 -14.87
N PHE A 288 -11.58 -28.38 -13.62
CA PHE A 288 -10.43 -29.10 -13.04
C PHE A 288 -10.17 -30.37 -13.84
N ARG A 289 -11.16 -30.83 -14.62
CA ARG A 289 -10.99 -32.01 -15.46
C ARG A 289 -10.26 -31.83 -16.84
N GLN A 290 -9.64 -30.69 -17.13
CA GLN A 290 -8.71 -30.57 -18.28
C GLN A 290 -7.96 -29.25 -18.20
N GLU B 24 6.76 31.77 22.00
CA GLU B 24 7.75 31.88 23.12
C GLU B 24 8.17 30.51 23.61
N ILE B 25 9.48 30.28 23.66
CA ILE B 25 10.05 29.00 24.11
C ILE B 25 11.53 29.21 24.47
N ARG B 26 12.08 28.42 25.39
CA ARG B 26 13.52 28.54 25.69
C ARG B 26 14.36 28.24 24.45
N GLN B 27 15.62 28.60 24.55
CA GLN B 27 16.56 28.36 23.51
C GLN B 27 17.20 26.97 23.74
N ASN B 28 17.69 26.39 22.67
CA ASN B 28 18.37 25.11 22.70
C ASN B 28 19.53 25.31 21.77
N GLU B 29 20.73 24.99 22.23
CA GLU B 29 21.93 25.19 21.42
C GLU B 29 22.06 24.22 20.23
N LYS B 30 21.35 23.10 20.27
CA LYS B 30 21.43 22.10 19.21
C LYS B 30 20.35 22.24 18.13
N ILE B 31 19.32 23.04 18.38
CA ILE B 31 18.20 23.16 17.46
C ILE B 31 17.68 24.57 17.50
N SER B 32 17.61 25.22 16.34
CA SER B 32 17.03 26.55 16.26
C SER B 32 15.78 26.55 15.36
N TYR B 33 15.05 27.66 15.33
CA TYR B 33 13.96 27.80 14.40
C TYR B 33 13.76 29.22 14.01
N ARG B 34 13.07 29.44 12.90
CA ARG B 34 12.67 30.78 12.49
C ARG B 34 11.42 30.67 11.63
N ILE B 35 10.71 31.77 11.46
CA ILE B 35 9.56 31.83 10.60
C ILE B 35 9.78 32.78 9.42
N GLU B 36 9.56 32.30 8.20
CA GLU B 36 9.63 33.12 6.99
C GLU B 36 8.33 32.95 6.24
N GLY B 37 7.45 33.94 6.35
CA GLY B 37 6.18 33.94 5.65
C GLY B 37 5.36 32.77 6.17
N PRO B 38 4.92 31.90 5.26
CA PRO B 38 4.15 30.73 5.72
C PRO B 38 4.99 29.52 6.17
N PHE B 39 6.31 29.67 6.28
CA PHE B 39 7.22 28.56 6.58
C PHE B 39 7.77 28.67 7.99
N PHE B 40 7.64 27.61 8.78
CA PHE B 40 8.24 27.51 10.10
C PHE B 40 9.40 26.55 9.91
N ILE B 41 10.62 27.04 10.12
CA ILE B 41 11.83 26.32 9.73
C ILE B 41 12.61 25.93 10.95
N ILE B 42 12.83 24.64 11.10
CA ILE B 42 13.50 24.06 12.25
C ILE B 42 14.82 23.60 11.71
N HIS B 43 15.90 23.91 12.44
CA HIS B 43 17.26 23.62 11.96
C HIS B 43 18.08 22.90 13.02
N LEU B 44 18.49 21.67 12.74
CA LEU B 44 19.35 20.94 13.65
C LEU B 44 20.78 21.46 13.36
N ILE B 45 21.44 21.97 14.39
CA ILE B 45 22.68 22.77 14.19
C ILE B 45 23.83 22.28 15.04
N ASN B 46 24.04 20.97 15.04
CA ASN B 46 25.11 20.35 15.80
C ASN B 46 25.81 19.31 14.94
N PRO B 47 26.38 19.75 13.81
CA PRO B 47 27.02 18.84 12.88
C PRO B 47 28.24 18.08 13.43
N ASP B 48 28.95 18.65 14.41
CA ASP B 48 30.12 17.97 14.96
C ASP B 48 29.77 16.68 15.64
N ASN B 49 28.54 16.58 16.16
CA ASN B 49 28.08 15.36 16.79
C ASN B 49 27.05 14.60 15.90
N LEU B 50 27.08 14.86 14.59
CA LEU B 50 26.17 14.28 13.61
C LEU B 50 24.69 14.46 13.99
N ASN B 51 24.41 15.55 14.68
CA ASN B 51 23.12 15.89 15.14
C ASN B 51 22.44 14.75 15.90
N ALA B 52 23.21 14.02 16.70
CA ALA B 52 22.66 13.07 17.65
C ALA B 52 21.86 13.84 18.67
N LEU B 53 20.74 13.26 19.10
CA LEU B 53 19.83 13.98 19.97
C LEU B 53 19.61 13.27 21.28
N GLU B 54 19.59 14.02 22.38
CA GLU B 54 19.24 13.46 23.67
C GLU B 54 17.75 13.55 23.89
N GLY B 55 17.28 12.92 24.94
CA GLY B 55 15.87 12.89 25.25
C GLY B 55 15.22 14.26 25.26
N GLU B 56 15.83 15.19 25.97
CA GLU B 56 15.27 16.53 26.07
C GLU B 56 15.29 17.26 24.75
N ASP B 57 16.19 16.87 23.83
CA ASP B 57 16.18 17.45 22.50
C ASP B 57 14.99 16.94 21.64
N TYR B 58 14.65 15.67 21.79
CA TYR B 58 13.45 15.14 21.13
C TYR B 58 12.22 15.85 21.65
N ILE B 59 12.17 16.06 22.96
CA ILE B 59 11.05 16.77 23.55
C ILE B 59 10.95 18.18 23.01
N TYR B 60 12.10 18.84 22.92
CA TYR B 60 12.19 20.18 22.38
C TYR B 60 11.65 20.21 20.95
N LEU B 61 12.07 19.23 20.16
CA LEU B 61 11.58 19.13 18.79
C LEU B 61 10.03 19.01 18.74
N GLY B 62 9.47 18.21 19.63
CA GLY B 62 8.01 18.10 19.74
C GLY B 62 7.37 19.43 20.10
N GLU B 63 7.98 20.16 21.03
CA GLU B 63 7.48 21.48 21.42
C GLU B 63 7.52 22.49 20.31
N LEU B 64 8.53 22.40 19.45
CA LEU B 64 8.60 23.28 18.31
C LEU B 64 7.49 22.96 17.31
N LEU B 65 7.24 21.68 17.06
CA LEU B 65 6.11 21.30 16.18
C LEU B 65 4.79 21.85 16.74
N GLU B 66 4.60 21.75 18.05
CA GLU B 66 3.36 22.21 18.66
C GLU B 66 3.22 23.73 18.62
N LEU B 67 4.35 24.43 18.68
CA LEU B 67 4.38 25.87 18.46
C LEU B 67 4.03 26.25 17.03
N ALA B 68 4.66 25.59 16.07
CA ALA B 68 4.29 25.81 14.67
C ALA B 68 2.81 25.52 14.41
N ASP B 69 2.28 24.51 15.08
CA ASP B 69 0.90 24.07 14.84
C ASP B 69 -0.11 25.10 15.32
N ARG B 70 0.25 25.86 16.36
CA ARG B 70 -0.62 26.89 16.92
C ARG B 70 -0.52 28.23 16.22
N ASN B 71 0.44 28.39 15.33
CA ASN B 71 0.62 29.64 14.61
C ASN B 71 -0.21 29.67 13.31
N ARG B 72 -1.23 30.52 13.30
CA ARG B 72 -2.14 30.64 12.19
C ARG B 72 -1.53 31.17 10.90
N ASP B 73 -0.36 31.77 10.93
CA ASP B 73 0.34 32.17 9.67
C ASP B 73 1.20 31.10 9.05
N VAL B 74 1.45 30.03 9.79
CA VAL B 74 2.29 28.93 9.30
C VAL B 74 1.45 27.90 8.54
N TYR B 75 1.87 27.57 7.33
CA TYR B 75 1.26 26.49 6.53
C TYR B 75 2.18 25.29 6.33
N PHE B 76 3.50 25.48 6.47
CA PHE B 76 4.50 24.42 6.24
C PHE B 76 5.48 24.46 7.35
N THR B 77 5.86 23.29 7.86
CA THR B 77 6.88 23.16 8.85
C THR B 77 8.01 22.39 8.17
N ILE B 78 9.19 22.98 8.16
CA ILE B 78 10.33 22.44 7.41
C ILE B 78 11.45 22.09 8.37
N ILE B 79 11.88 20.84 8.32
CA ILE B 79 12.94 20.38 9.17
C ILE B 79 14.23 20.22 8.34
N GLN B 80 15.26 20.93 8.76
CA GLN B 80 16.56 20.98 8.06
C GLN B 80 17.64 20.67 9.05
N SER B 81 18.74 20.12 8.56
CA SER B 81 19.84 19.76 9.43
C SER B 81 21.15 20.37 8.86
N SER B 82 22.28 19.84 9.29
CA SER B 82 23.59 20.47 9.05
C SER B 82 24.64 19.38 8.93
N GLY B 83 25.68 19.65 8.15
CA GLY B 83 26.79 18.72 8.06
C GLY B 83 26.45 17.60 7.11
N ARG B 84 27.06 16.46 7.35
CA ARG B 84 26.95 15.32 6.46
C ARG B 84 25.85 14.31 6.83
N PHE B 85 25.35 14.40 8.06
CA PHE B 85 24.25 13.56 8.56
C PHE B 85 23.02 14.41 8.84
N PHE B 86 21.84 13.86 8.56
CA PHE B 86 20.61 14.49 9.06
C PHE B 86 20.60 14.36 10.57
N SER B 87 20.75 13.13 11.05
CA SER B 87 20.89 12.85 12.45
C SER B 87 21.28 11.40 12.66
N SER B 88 22.24 11.15 13.54
CA SER B 88 22.68 9.78 13.81
C SER B 88 21.81 9.14 14.87
N GLY B 89 20.81 9.86 15.35
CA GLY B 89 19.83 9.22 16.22
C GLY B 89 20.00 9.61 17.66
N ALA B 90 19.55 8.75 18.55
CA ALA B 90 19.61 9.01 19.97
C ALA B 90 21.07 9.04 20.42
N ASP B 91 21.38 10.01 21.26
CA ASP B 91 22.73 10.21 21.77
C ASP B 91 23.01 9.15 22.83
N PHE B 92 23.96 8.28 22.54
CA PHE B 92 24.33 7.17 23.43
C PHE B 92 24.97 7.64 24.75
N LYS B 93 25.78 8.70 24.70
CA LYS B 93 26.33 9.30 25.91
C LYS B 93 25.24 9.72 26.90
N GLY B 94 24.19 10.37 26.40
CA GLY B 94 23.00 10.69 27.21
C GLY B 94 22.30 9.46 27.77
N ILE B 95 22.24 8.40 26.98
CA ILE B 95 21.65 7.11 27.42
C ILE B 95 22.45 6.49 28.59
N ALA B 96 23.78 6.52 28.47
CA ALA B 96 24.69 6.04 29.52
C ALA B 96 24.54 6.86 30.81
N LYS B 97 24.26 8.16 30.68
CA LYS B 97 23.97 9.00 31.85
C LYS B 97 22.73 8.50 32.60
N ALA B 98 21.71 8.09 31.85
CA ALA B 98 20.48 7.54 32.44
C ALA B 98 20.64 6.11 33.03
N GLN B 99 21.88 5.63 33.15
CA GLN B 99 22.18 4.32 33.77
C GLN B 99 23.48 4.39 34.56
N LYS B 105 17.29 7.56 43.09
CA LYS B 105 16.63 8.43 42.11
C LYS B 105 15.31 7.82 41.58
N TYR B 106 15.32 6.51 41.28
CA TYR B 106 14.14 5.79 40.80
C TYR B 106 13.95 4.50 41.60
N PRO B 107 12.72 4.21 42.04
CA PRO B 107 12.47 3.00 42.83
C PRO B 107 12.72 1.66 42.09
N SER B 108 12.76 1.69 40.76
CA SER B 108 13.01 0.47 39.96
C SER B 108 13.53 0.82 38.59
N GLU B 109 14.06 -0.20 37.92
CA GLU B 109 14.45 -0.10 36.52
C GLU B 109 13.26 0.30 35.66
N THR B 110 12.12 -0.35 35.89
CA THR B 110 10.89 0.00 35.18
C THR B 110 10.58 1.49 35.34
N SER B 111 10.55 1.99 36.57
CA SER B 111 10.25 3.40 36.77
C SER B 111 11.24 4.33 36.06
N LYS B 112 12.52 3.94 36.04
CA LYS B 112 13.51 4.75 35.36
C LYS B 112 13.24 4.85 33.86
N TRP B 113 12.99 3.70 33.24
CA TRP B 113 12.81 3.67 31.79
C TRP B 113 11.47 4.25 31.38
N VAL B 114 10.47 4.15 32.25
CA VAL B 114 9.21 4.83 31.99
C VAL B 114 9.48 6.33 31.85
N SER B 115 10.26 6.86 32.77
CA SER B 115 10.56 8.31 32.73
C SER B 115 11.49 8.73 31.62
N ASN B 116 12.51 7.95 31.36
CA ASN B 116 13.53 8.35 30.39
C ASN B 116 13.18 8.02 28.93
N PHE B 117 12.62 6.84 28.68
CA PHE B 117 12.39 6.40 27.32
C PHE B 117 10.92 6.52 26.93
N VAL B 118 10.03 5.92 27.72
CA VAL B 118 8.64 5.83 27.38
C VAL B 118 8.05 7.20 27.13
N ALA B 119 8.30 8.09 28.08
CA ALA B 119 7.72 9.41 28.11
C ALA B 119 8.11 10.25 26.94
N ARG B 120 9.40 10.35 26.72
CA ARG B 120 9.88 11.14 25.63
C ARG B 120 9.39 10.60 24.25
N ASN B 121 9.44 9.27 24.04
CA ASN B 121 9.07 8.69 22.77
C ASN B 121 7.59 8.90 22.49
N VAL B 122 6.74 8.76 23.49
CA VAL B 122 5.32 8.82 23.27
C VAL B 122 4.96 10.27 22.95
N TYR B 123 5.68 11.22 23.56
CA TYR B 123 5.41 12.64 23.37
C TYR B 123 5.82 13.12 21.98
N VAL B 124 7.06 12.85 21.57
CA VAL B 124 7.56 13.40 20.31
C VAL B 124 6.87 12.70 19.11
N THR B 125 6.66 11.40 19.22
CA THR B 125 5.98 10.68 18.14
C THR B 125 4.58 11.24 17.95
N ASP B 126 3.88 11.48 19.06
CA ASP B 126 2.55 12.09 19.02
C ASP B 126 2.54 13.46 18.39
N ALA B 127 3.56 14.27 18.69
CA ALA B 127 3.64 15.62 18.09
C ALA B 127 3.74 15.56 16.55
N PHE B 128 4.54 14.63 16.02
CA PHE B 128 4.63 14.43 14.57
C PHE B 128 3.30 13.85 13.99
N ILE B 129 2.74 12.84 14.64
CA ILE B 129 1.52 12.17 14.14
C ILE B 129 0.37 13.16 13.97
N LYS B 130 0.16 14.03 14.95
CA LYS B 130 -0.98 14.94 14.92
C LYS B 130 -0.76 16.28 14.23
N HIS B 131 0.49 16.57 13.84
CA HIS B 131 0.82 17.87 13.29
C HIS B 131 -0.06 18.24 12.08
N SER B 132 -0.66 19.43 12.08
CA SER B 132 -1.64 19.81 11.06
C SER B 132 -1.07 20.60 9.90
N LYS B 133 0.15 21.08 10.03
CA LYS B 133 0.80 21.80 8.94
C LYS B 133 1.54 20.79 8.05
N VAL B 134 1.80 21.17 6.82
CA VAL B 134 2.52 20.30 5.90
C VAL B 134 3.96 20.21 6.37
N LEU B 135 4.41 18.99 6.60
CA LEU B 135 5.65 18.72 7.25
C LEU B 135 6.66 18.18 6.22
N ILE B 136 7.74 18.92 6.02
CA ILE B 136 8.71 18.63 4.97
C ILE B 136 10.09 18.41 5.58
N CYS B 137 10.74 17.32 5.20
CA CYS B 137 12.05 17.00 5.69
C CYS B 137 13.09 17.23 4.59
N CYS B 138 14.12 18.03 4.92
CA CYS B 138 15.28 18.23 4.01
C CYS B 138 16.38 17.31 4.42
N LEU B 139 16.49 16.21 3.70
CA LEU B 139 17.37 15.13 4.10
C LEU B 139 18.79 15.39 3.51
N ASN B 140 19.66 15.96 4.35
CA ASN B 140 21.01 16.37 3.96
C ASN B 140 22.03 15.27 4.16
N GLY B 141 21.59 14.08 4.53
CA GLY B 141 22.48 12.95 4.76
C GLY B 141 21.69 11.87 5.50
N PRO B 142 22.35 10.84 5.96
CA PRO B 142 21.63 9.75 6.59
C PRO B 142 20.91 10.10 7.88
N ALA B 143 19.89 9.29 8.18
CA ALA B 143 19.18 9.37 9.46
C ALA B 143 19.06 7.99 10.03
N ILE B 144 19.16 7.93 11.34
CA ILE B 144 19.25 6.68 12.05
C ILE B 144 18.30 6.63 13.23
N GLY B 145 17.71 5.46 13.48
CA GLY B 145 16.94 5.24 14.69
C GLY B 145 15.71 6.14 14.81
N LEU B 146 15.52 6.72 15.99
CA LEU B 146 14.35 7.53 16.26
C LEU B 146 14.31 8.72 15.34
N SER B 147 15.47 9.25 14.97
CA SER B 147 15.48 10.37 14.00
C SER B 147 14.99 9.93 12.63
N ALA B 148 15.38 8.73 12.21
CA ALA B 148 14.89 8.20 10.95
C ALA B 148 13.37 7.89 11.01
N ALA B 149 12.88 7.55 12.20
CA ALA B 149 11.46 7.31 12.38
C ALA B 149 10.71 8.61 12.14
N LEU B 150 11.27 9.72 12.60
CA LEU B 150 10.62 11.01 12.42
C LEU B 150 10.61 11.46 10.96
N VAL B 151 11.68 11.13 10.24
CA VAL B 151 11.71 11.41 8.81
C VAL B 151 10.57 10.65 8.09
N ALA B 152 10.34 9.40 8.50
CA ALA B 152 9.29 8.59 7.91
C ALA B 152 7.85 9.10 8.28
N LEU B 153 7.73 9.93 9.31
CA LEU B 153 6.47 10.57 9.64
C LEU B 153 6.22 11.89 8.92
N CYS B 154 7.20 12.44 8.23
CA CYS B 154 7.01 13.66 7.46
C CYS B 154 6.18 13.39 6.21
N ASP B 155 5.51 14.43 5.70
CA ASP B 155 4.63 14.31 4.56
C ASP B 155 5.39 14.27 3.24
N ILE B 156 6.51 15.00 3.20
CA ILE B 156 7.31 15.16 1.98
C ILE B 156 8.78 15.17 2.35
N VAL B 157 9.59 14.47 1.57
CA VAL B 157 11.03 14.37 1.83
C VAL B 157 11.83 14.74 0.56
N TYR B 158 12.79 15.66 0.72
CA TYR B 158 13.73 16.00 -0.36
C TYR B 158 15.13 15.56 0.05
N SER B 159 15.88 14.97 -0.87
CA SER B 159 17.24 14.50 -0.57
C SER B 159 18.32 15.39 -1.21
N ILE B 160 19.43 15.55 -0.50
CA ILE B 160 20.57 16.34 -1.00
C ILE B 160 21.24 15.64 -2.19
N ASN B 161 21.43 14.33 -2.07
CA ASN B 161 22.03 13.52 -3.13
C ASN B 161 21.74 12.04 -2.88
N ASP B 162 22.22 11.19 -3.77
CA ASP B 162 21.90 9.78 -3.72
C ASP B 162 22.69 8.98 -2.74
N LYS B 163 23.33 9.63 -1.79
CA LYS B 163 24.04 8.91 -0.76
C LYS B 163 23.27 8.86 0.54
N VAL B 164 22.13 9.52 0.62
CA VAL B 164 21.28 9.42 1.81
C VAL B 164 20.78 7.97 2.00
N TYR B 165 20.55 7.59 3.24
CA TYR B 165 19.89 6.34 3.58
C TYR B 165 19.20 6.50 4.94
N LEU B 166 18.29 5.58 5.25
CA LEU B 166 17.69 5.52 6.57
C LEU B 166 18.05 4.17 7.17
N LEU B 167 18.45 4.17 8.44
CA LEU B 167 18.78 2.93 9.10
C LEU B 167 18.03 2.82 10.41
N TYR B 168 17.43 1.66 10.63
CA TYR B 168 16.64 1.38 11.81
C TYR B 168 17.28 0.17 12.47
N PRO B 169 18.28 0.42 13.36
CA PRO B 169 19.14 -0.66 13.81
C PRO B 169 18.61 -1.38 15.02
N PHE B 170 17.29 -1.55 15.11
CA PHE B 170 16.68 -2.00 16.36
C PHE B 170 17.14 -3.42 16.69
N ALA B 171 17.25 -4.26 15.69
CA ALA B 171 17.64 -5.66 15.91
C ALA B 171 19.09 -5.76 16.45
N ASN B 172 19.93 -4.83 16.03
CA ASN B 172 21.29 -4.84 16.49
C ASN B 172 21.44 -4.21 17.88
N LEU B 173 20.52 -3.31 18.26
CA LEU B 173 20.54 -2.71 19.57
C LEU B 173 19.76 -3.46 20.62
N GLY B 174 19.08 -4.55 20.25
CA GLY B 174 18.20 -5.25 21.19
C GLY B 174 16.92 -4.48 21.55
N LEU B 175 16.42 -3.69 20.62
CA LEU B 175 15.17 -2.94 20.77
C LEU B 175 14.11 -3.42 19.74
N ILE B 176 12.98 -2.71 19.67
CA ILE B 176 11.95 -2.96 18.68
C ILE B 176 11.60 -1.65 17.99
N THR B 177 10.56 -1.66 17.17
CA THR B 177 10.18 -0.49 16.40
C THR B 177 9.86 0.68 17.31
N GLU B 178 10.19 1.88 16.83
CA GLU B 178 9.96 3.13 17.55
C GLU B 178 9.47 4.20 16.62
N GLY B 179 8.91 5.25 17.21
CA GLY B 179 8.50 6.43 16.48
C GLY B 179 7.47 6.17 15.38
N GLY B 180 6.61 5.18 15.58
CA GLY B 180 5.57 4.86 14.62
C GLY B 180 6.01 4.07 13.39
N THR B 181 7.25 3.57 13.40
CA THR B 181 7.78 2.77 12.30
C THR B 181 7.01 1.48 12.06
N THR B 182 6.36 0.93 13.10
CA THR B 182 5.49 -0.22 12.97
C THR B 182 4.47 0.02 11.83
N VAL B 183 4.00 1.25 11.69
CA VAL B 183 3.04 1.60 10.67
C VAL B 183 3.69 2.28 9.46
N SER B 184 4.58 3.23 9.72
CA SER B 184 5.13 4.06 8.60
C SER B 184 6.01 3.29 7.61
N LEU B 185 6.75 2.31 8.09
CA LEU B 185 7.65 1.61 7.16
C LEU B 185 6.89 0.68 6.19
N PRO B 186 5.99 -0.17 6.69
CA PRO B 186 5.23 -0.94 5.72
C PRO B 186 4.41 -0.06 4.80
N LEU B 187 3.87 1.04 5.31
CA LEU B 187 3.11 1.94 4.52
C LEU B 187 3.89 2.60 3.41
N LYS B 188 5.11 3.05 3.70
CA LYS B 188 5.88 3.80 2.74
C LYS B 188 6.89 2.98 1.94
N PHE B 189 7.25 1.79 2.43
CA PHE B 189 8.23 0.96 1.71
C PHE B 189 7.72 -0.42 1.37
N GLY B 190 6.54 -0.78 1.83
CA GLY B 190 5.99 -2.13 1.63
C GLY B 190 6.40 -3.05 2.74
N THR B 191 5.60 -4.08 2.93
CA THR B 191 5.79 -4.98 4.06
C THR B 191 7.01 -5.90 3.85
N ASN B 192 7.19 -6.50 2.68
CA ASN B 192 8.32 -7.43 2.49
C ASN B 192 9.70 -6.71 2.59
N THR B 193 9.82 -5.54 1.99
CA THR B 193 11.01 -4.76 2.10
C THR B 193 11.29 -4.39 3.56
N THR B 194 10.24 -4.01 4.30
CA THR B 194 10.36 -3.64 5.70
C THR B 194 10.89 -4.79 6.53
N TYR B 195 10.38 -5.99 6.34
CA TYR B 195 10.92 -7.16 7.06
C TYR B 195 12.40 -7.42 6.74
N GLU B 196 12.79 -7.35 5.49
CA GLU B 196 14.20 -7.58 5.11
C GLU B 196 15.09 -6.58 5.82
N CYS B 197 14.76 -5.29 5.77
CA CYS B 197 15.55 -4.26 6.41
C CYS B 197 15.55 -4.33 7.95
N LEU B 198 14.39 -4.49 8.58
CA LEU B 198 14.31 -4.48 10.01
C LEU B 198 14.83 -5.76 10.62
N MET B 199 14.46 -6.91 10.07
CA MET B 199 14.88 -8.15 10.68
C MET B 199 16.42 -8.31 10.64
N PHE B 200 17.07 -7.78 9.59
CA PHE B 200 18.49 -8.03 9.38
C PHE B 200 19.32 -6.78 9.52
N ASN B 201 18.73 -5.71 10.06
CA ASN B 201 19.45 -4.45 10.30
C ASN B 201 20.11 -3.96 9.05
N LYS B 202 19.35 -3.81 7.98
CA LYS B 202 19.86 -3.26 6.75
C LYS B 202 19.22 -1.91 6.45
N PRO B 203 19.98 -0.98 5.85
CA PRO B 203 19.46 0.35 5.56
C PRO B 203 18.41 0.35 4.44
N PHE B 204 17.53 1.34 4.48
CA PHE B 204 16.70 1.67 3.35
C PHE B 204 17.52 2.69 2.59
N LYS B 205 18.10 2.25 1.48
CA LYS B 205 18.99 3.06 0.70
C LYS B 205 18.25 3.93 -0.25
N TYR B 206 19.00 4.88 -0.79
CA TYR B 206 18.49 5.79 -1.77
C TYR B 206 17.63 5.10 -2.84
N ASP B 207 18.10 4.00 -3.40
CA ASP B 207 17.36 3.37 -4.50
C ASP B 207 15.97 2.89 -4.07
N ILE B 208 15.87 2.27 -2.89
CA ILE B 208 14.60 1.81 -2.33
C ILE B 208 13.71 3.01 -2.02
N MET B 209 14.30 4.08 -1.48
CA MET B 209 13.54 5.33 -1.27
C MET B 209 12.95 5.91 -2.54
N CME B 210 13.74 5.96 -3.63
CA CME B 210 13.26 6.50 -4.91
CB CME B 210 14.37 6.76 -5.97
SG CME B 210 15.17 8.32 -5.69
SD CME B 210 13.92 9.86 -6.33
CE CME B 210 14.67 10.97 -7.54
CZ CME B 210 13.67 11.94 -8.25
OH CME B 210 14.14 13.31 -8.45
C CME B 210 12.22 5.60 -5.53
O CME B 210 11.23 6.06 -6.04
N GLU B 211 12.42 4.31 -5.48
CA GLU B 211 11.49 3.36 -6.08
C GLU B 211 10.10 3.38 -5.40
N ASN B 212 10.04 3.70 -4.11
CA ASN B 212 8.76 3.76 -3.40
C ASN B 212 8.18 5.17 -3.37
N GLY B 213 8.79 6.10 -4.10
CA GLY B 213 8.37 7.48 -4.08
C GLY B 213 8.50 8.15 -2.72
N PHE B 214 9.35 7.64 -1.86
CA PHE B 214 9.57 8.25 -0.54
C PHE B 214 10.19 9.65 -0.66
N ILE B 215 11.11 9.78 -1.60
CA ILE B 215 11.77 11.05 -1.86
C ILE B 215 11.02 11.68 -2.99
N SER B 216 10.59 12.91 -2.84
CA SER B 216 9.90 13.58 -3.91
C SER B 216 10.85 14.31 -4.88
N LYS B 217 12.04 14.71 -4.43
CA LYS B 217 13.04 15.26 -5.35
C LYS B 217 14.44 15.13 -4.77
N ASN B 218 15.35 14.65 -5.61
CA ASN B 218 16.77 14.59 -5.29
C ASN B 218 17.45 15.80 -5.90
N PHE B 219 18.12 16.61 -5.08
CA PHE B 219 18.68 17.86 -5.56
C PHE B 219 20.07 17.68 -6.16
N ASN B 220 20.66 16.51 -5.92
CA ASN B 220 21.94 16.17 -6.50
C ASN B 220 23.01 17.23 -6.28
N MET B 221 23.23 17.57 -5.01
CA MET B 221 24.17 18.57 -4.59
C MET B 221 25.20 17.89 -3.75
N PRO B 222 26.39 18.53 -3.60
CA PRO B 222 27.45 17.88 -2.82
C PRO B 222 27.20 17.91 -1.31
N SER B 223 27.57 16.83 -0.62
CA SER B 223 27.37 16.66 0.82
C SER B 223 28.17 17.64 1.66
N SER B 224 29.10 18.34 1.04
CA SER B 224 29.91 19.30 1.77
C SER B 224 29.18 20.62 1.97
N ASN B 225 28.01 20.82 1.37
CA ASN B 225 27.26 22.07 1.62
C ASN B 225 25.74 21.89 1.84
N ALA B 226 25.41 21.38 3.02
CA ALA B 226 24.01 21.27 3.49
C ALA B 226 23.31 22.63 3.43
N GLU B 227 24.06 23.66 3.76
CA GLU B 227 23.54 25.02 3.79
C GLU B 227 23.01 25.47 2.45
N ALA B 228 23.74 25.18 1.39
CA ALA B 228 23.29 25.54 0.06
C ALA B 228 22.03 24.73 -0.33
N PHE B 229 22.04 23.45 0.01
CA PHE B 229 20.90 22.55 -0.21
C PHE B 229 19.69 23.12 0.51
N ASN B 230 19.85 23.44 1.77
CA ASN B 230 18.74 23.96 2.54
C ASN B 230 18.16 25.21 1.95
N ALA B 231 19.03 26.11 1.47
CA ALA B 231 18.56 27.37 0.89
C ALA B 231 17.87 27.12 -0.43
N LYS B 232 18.40 26.21 -1.21
CA LYS B 232 17.80 25.88 -2.49
C LYS B 232 16.38 25.27 -2.33
N VAL B 233 16.18 24.41 -1.33
CA VAL B 233 14.85 23.84 -1.08
C VAL B 233 13.88 24.97 -0.75
N LEU B 234 14.30 25.87 0.12
CA LEU B 234 13.41 26.97 0.50
C LEU B 234 13.05 27.85 -0.67
N GLU B 235 14.02 28.03 -1.56
CA GLU B 235 13.80 28.84 -2.76
C GLU B 235 12.78 28.19 -3.68
N GLU B 236 12.91 26.89 -3.91
CA GLU B 236 11.93 26.19 -4.72
C GLU B 236 10.56 26.16 -4.07
N LEU B 237 10.50 25.93 -2.76
CA LEU B 237 9.21 26.02 -2.05
C LEU B 237 8.54 27.39 -2.22
N ARG B 238 9.30 28.49 -2.10
CA ARG B 238 8.68 29.83 -2.30
C ARG B 238 8.09 29.93 -3.70
N GLU B 239 8.77 29.34 -4.67
CA GLU B 239 8.27 29.34 -6.05
C GLU B 239 7.00 28.46 -6.16
N LYS B 240 7.02 27.27 -5.57
CA LYS B 240 5.90 26.33 -5.72
C LYS B 240 4.62 26.77 -5.02
N VAL B 241 4.70 27.54 -3.94
CA VAL B 241 3.47 27.99 -3.26
C VAL B 241 2.79 29.17 -3.94
N LYS B 242 3.43 29.80 -4.91
CA LYS B 242 2.85 31.01 -5.53
C LYS B 242 1.57 30.67 -6.23
N GLY B 243 0.53 31.46 -5.96
CA GLY B 243 -0.78 31.24 -6.57
C GLY B 243 -1.66 30.21 -5.86
N LEU B 244 -1.10 29.38 -4.97
CA LEU B 244 -1.91 28.36 -4.28
C LEU B 244 -2.72 28.98 -3.18
N TYR B 245 -3.91 28.44 -2.94
CA TYR B 245 -4.71 28.81 -1.79
C TYR B 245 -4.31 27.93 -0.62
N LEU B 246 -3.53 28.50 0.27
CA LEU B 246 -2.86 27.70 1.26
C LEU B 246 -3.82 27.00 2.25
N PRO B 247 -4.97 27.61 2.57
CA PRO B 247 -5.89 26.87 3.44
C PRO B 247 -6.37 25.54 2.82
N SER B 248 -6.37 25.42 1.50
CA SER B 248 -6.68 24.16 0.83
C SER B 248 -5.67 23.10 1.16
N CYS B 249 -4.39 23.48 1.23
CA CYS B 249 -3.32 22.54 1.59
C CYS B 249 -3.63 21.90 2.93
N LEU B 250 -3.96 22.73 3.91
CA LEU B 250 -4.24 22.25 5.23
C LEU B 250 -5.55 21.43 5.29
N GLY B 251 -6.55 21.88 4.54
CA GLY B 251 -7.84 21.18 4.47
C GLY B 251 -7.62 19.80 3.92
N MET B 252 -6.82 19.70 2.87
CA MET B 252 -6.51 18.41 2.29
C MET B 252 -5.73 17.54 3.27
N LYS B 253 -4.73 18.09 3.93
CA LYS B 253 -3.95 17.30 4.87
C LYS B 253 -4.82 16.80 6.00
N LYS B 254 -5.73 17.61 6.45
CA LYS B 254 -6.62 17.16 7.52
C LYS B 254 -7.42 15.91 7.13
N LEU B 255 -7.87 15.82 5.89
CA LEU B 255 -8.54 14.60 5.39
C LEU B 255 -7.57 13.45 5.16
N LEU B 256 -6.40 13.74 4.60
CA LEU B 256 -5.41 12.68 4.33
C LEU B 256 -4.93 12.03 5.58
N LYS B 257 -4.72 12.83 6.63
CA LYS B 257 -4.26 12.32 7.93
C LYS B 257 -5.22 11.27 8.53
N SER B 258 -6.50 11.41 8.25
CA SER B 258 -7.47 10.51 8.84
C SER B 258 -7.37 9.08 8.30
N ASN B 259 -6.66 8.86 7.20
CA ASN B 259 -6.52 7.49 6.71
C ASN B 259 -5.84 6.58 7.70
N HIS B 260 -4.80 7.05 8.39
CA HIS B 260 -4.02 6.20 9.27
C HIS B 260 -3.80 6.71 10.67
N ILE B 261 -4.52 7.77 11.05
CA ILE B 261 -4.29 8.39 12.34
C ILE B 261 -4.50 7.38 13.47
N ASP B 262 -5.56 6.58 13.39
CA ASP B 262 -5.85 5.61 14.44
C ASP B 262 -4.77 4.54 14.59
N ALA B 263 -4.30 4.00 13.48
CA ALA B 263 -3.19 3.05 13.50
C ALA B 263 -1.90 3.68 14.07
N PHE B 264 -1.61 4.94 13.76
CA PHE B 264 -0.42 5.57 14.31
C PHE B 264 -0.55 5.77 15.81
N ASN B 265 -1.71 6.21 16.28
CA ASN B 265 -1.88 6.45 17.72
C ASN B 265 -1.82 5.13 18.49
N LYS B 266 -2.46 4.11 17.95
CA LYS B 266 -2.41 2.78 18.56
C LYS B 266 -0.95 2.28 18.60
N ALA B 267 -0.21 2.43 17.51
CA ALA B 267 1.17 1.93 17.47
C ALA B 267 2.06 2.67 18.46
N ASN B 268 1.83 3.96 18.65
CA ASN B 268 2.67 4.76 19.50
C ASN B 268 2.65 4.20 20.92
N SER B 269 1.44 3.99 21.42
CA SER B 269 1.22 3.44 22.75
C SER B 269 1.82 2.05 22.92
N VAL B 270 1.62 1.20 21.93
CA VAL B 270 2.12 -0.18 22.01
C VAL B 270 3.65 -0.24 21.88
N GLU B 271 4.23 0.50 20.94
CA GLU B 271 5.68 0.48 20.77
C GLU B 271 6.42 0.87 22.06
N VAL B 272 5.97 1.93 22.67
CA VAL B 272 6.63 2.52 23.84
C VAL B 272 6.50 1.58 25.05
N ASN B 273 5.34 0.97 25.24
CA ASN B 273 5.19 0.01 26.32
C ASN B 273 5.89 -1.32 26.08
N GLU B 274 5.85 -1.82 24.85
CA GLU B 274 6.49 -3.11 24.57
C GLU B 274 8.03 -3.02 24.60
N SER B 275 8.58 -1.85 24.35
CA SER B 275 10.01 -1.70 24.40
C SER B 275 10.56 -1.83 25.82
N LEU B 276 9.74 -1.56 26.83
CA LEU B 276 10.18 -1.57 28.21
C LEU B 276 10.88 -2.82 28.62
N LYS B 277 10.35 -3.98 28.29
CA LYS B 277 10.95 -5.25 28.70
C LYS B 277 12.36 -5.40 28.10
N TYR B 278 12.64 -4.71 27.00
CA TYR B 278 13.95 -4.81 26.35
C TYR B 278 14.95 -3.96 27.17
N TRP B 279 14.55 -2.75 27.55
CA TRP B 279 15.38 -1.89 28.39
C TRP B 279 15.61 -2.46 29.76
N VAL B 280 14.55 -2.97 30.37
CA VAL B 280 14.63 -3.56 31.71
C VAL B 280 15.47 -4.82 31.73
N ASP B 281 15.36 -5.67 30.71
CA ASP B 281 16.23 -6.84 30.60
C ASP B 281 17.73 -6.45 30.49
N GLY B 282 18.05 -5.26 29.98
CA GLY B 282 19.43 -4.76 29.94
C GLY B 282 20.20 -4.89 28.62
N GLU B 283 19.71 -5.74 27.71
CA GLU B 283 20.41 -5.95 26.44
C GLU B 283 20.82 -4.66 25.71
N PRO B 284 19.91 -3.66 25.58
CA PRO B 284 20.31 -2.48 24.82
C PRO B 284 21.46 -1.73 25.42
N LEU B 285 21.57 -1.78 26.74
CA LEU B 285 22.62 -1.04 27.46
C LEU B 285 23.98 -1.67 27.19
N LYS B 286 24.08 -2.99 27.30
CA LYS B 286 25.29 -3.70 26.87
C LYS B 286 25.69 -3.31 25.45
N ARG B 287 24.76 -3.45 24.52
CA ARG B 287 25.03 -3.16 23.12
C ARG B 287 25.23 -1.68 22.80
N PHE B 288 24.52 -0.78 23.48
CA PHE B 288 24.73 0.68 23.32
C PHE B 288 26.17 1.05 23.76
N ARG B 289 26.83 0.14 24.50
CA ARG B 289 28.26 0.24 24.88
C ARG B 289 29.20 -0.64 24.02
N GLN B 290 29.04 -0.58 22.71
CA GLN B 290 30.13 -0.86 21.78
C GLN B 290 30.03 0.12 20.62
N GLU C 24 -33.54 1.31 -19.44
CA GLU C 24 -34.29 2.52 -19.89
C GLU C 24 -33.82 3.78 -19.14
N ILE C 25 -33.40 4.79 -19.89
CA ILE C 25 -32.89 6.05 -19.32
C ILE C 25 -32.95 7.17 -20.38
N ARG C 26 -33.08 8.42 -19.96
CA ARG C 26 -33.02 9.54 -20.90
C ARG C 26 -31.71 9.56 -21.70
N GLN C 27 -31.73 10.29 -22.79
CA GLN C 27 -30.57 10.48 -23.61
C GLN C 27 -29.80 11.70 -23.10
N ASN C 28 -28.50 11.71 -23.37
CA ASN C 28 -27.64 12.82 -23.00
C ASN C 28 -26.74 12.96 -24.18
N GLU C 29 -26.62 14.17 -24.71
CA GLU C 29 -25.83 14.41 -25.90
C GLU C 29 -24.33 14.30 -25.67
N LYS C 30 -23.89 14.42 -24.42
CA LYS C 30 -22.45 14.38 -24.11
C LYS C 30 -21.92 12.99 -23.72
N ILE C 31 -22.82 12.05 -23.44
CA ILE C 31 -22.42 10.71 -22.95
C ILE C 31 -23.37 9.69 -23.50
N SER C 32 -22.84 8.68 -24.18
CA SER C 32 -23.67 7.57 -24.68
C SER C 32 -23.25 6.25 -24.04
N TYR C 33 -24.04 5.20 -24.25
CA TYR C 33 -23.64 3.91 -23.80
C TYR C 33 -24.20 2.85 -24.69
N ARG C 34 -23.58 1.67 -24.64
CA ARG C 34 -24.13 0.52 -25.33
C ARG C 34 -23.68 -0.73 -24.61
N ILE C 35 -24.32 -1.84 -24.90
CA ILE C 35 -23.91 -3.15 -24.39
C ILE C 35 -23.44 -4.10 -25.51
N GLU C 36 -22.24 -4.68 -25.39
CA GLU C 36 -21.73 -5.70 -26.32
C GLU C 36 -21.35 -6.93 -25.49
N GLY C 37 -22.22 -7.93 -25.50
CA GLY C 37 -21.98 -9.15 -24.76
C GLY C 37 -21.88 -8.82 -23.28
N PRO C 38 -20.75 -9.15 -22.65
CA PRO C 38 -20.68 -8.90 -21.19
C PRO C 38 -20.16 -7.52 -20.84
N PHE C 39 -20.01 -6.65 -21.83
CA PHE C 39 -19.42 -5.35 -21.67
C PHE C 39 -20.46 -4.23 -21.77
N PHE C 40 -20.49 -3.36 -20.76
CA PHE C 40 -21.34 -2.16 -20.79
C PHE C 40 -20.40 -1.03 -21.02
N ILE C 41 -20.57 -0.33 -22.13
CA ILE C 41 -19.59 0.61 -22.57
C ILE C 41 -20.17 1.99 -22.51
N ILE C 42 -19.49 2.87 -21.80
CA ILE C 42 -19.90 4.24 -21.61
C ILE C 42 -18.91 5.06 -22.37
N HIS C 43 -19.42 6.03 -23.14
CA HIS C 43 -18.56 6.83 -24.03
C HIS C 43 -18.80 8.32 -23.85
N LEU C 44 -17.79 9.04 -23.43
CA LEU C 44 -17.89 10.50 -23.34
C LEU C 44 -17.65 11.01 -24.77
N ILE C 45 -18.61 11.77 -25.30
CA ILE C 45 -18.62 12.10 -26.75
C ILE C 45 -18.74 13.58 -27.01
N ASN C 46 -17.94 14.37 -26.30
CA ASN C 46 -17.91 15.81 -26.47
C ASN C 46 -16.50 16.32 -26.51
N PRO C 47 -15.73 15.88 -27.51
CA PRO C 47 -14.32 16.24 -27.64
C PRO C 47 -14.03 17.71 -27.88
N ASP C 48 -14.96 18.45 -28.46
CA ASP C 48 -14.74 19.89 -28.69
C ASP C 48 -14.66 20.68 -27.41
N ASN C 49 -15.30 20.18 -26.36
CA ASN C 49 -15.19 20.82 -25.06
C ASN C 49 -14.28 20.01 -24.07
N LEU C 50 -13.39 19.19 -24.61
CA LEU C 50 -12.50 18.34 -23.84
C LEU C 50 -13.25 17.44 -22.82
N ASN C 51 -14.48 17.11 -23.14
CA ASN C 51 -15.33 16.33 -22.33
C ASN C 51 -15.44 16.86 -20.90
N ALA C 52 -15.50 18.18 -20.77
CA ALA C 52 -15.85 18.82 -19.51
C ALA C 52 -17.26 18.49 -19.18
N LEU C 53 -17.53 18.26 -17.90
CA LEU C 53 -18.82 17.76 -17.49
C LEU C 53 -19.50 18.70 -16.52
N GLU C 54 -20.79 18.90 -16.71
CA GLU C 54 -21.59 19.66 -15.74
C GLU C 54 -22.14 18.73 -14.69
N GLY C 55 -22.72 19.31 -13.66
CA GLY C 55 -23.28 18.55 -12.58
C GLY C 55 -24.23 17.47 -13.00
N GLU C 56 -25.16 17.80 -13.88
CA GLU C 56 -26.13 16.84 -14.34
C GLU C 56 -25.47 15.71 -15.17
N ASP C 57 -24.33 16.00 -15.78
CA ASP C 57 -23.60 14.97 -16.51
C ASP C 57 -22.92 13.96 -15.57
N TYR C 58 -22.37 14.45 -14.46
CA TYR C 58 -21.85 13.54 -13.43
C TYR C 58 -22.97 12.67 -12.86
N ILE C 59 -24.13 13.27 -12.64
CA ILE C 59 -25.27 12.49 -12.18
C ILE C 59 -25.65 11.42 -13.19
N TYR C 60 -25.69 11.81 -14.46
CA TYR C 60 -26.01 10.90 -15.54
C TYR C 60 -25.02 9.73 -15.56
N LEU C 61 -23.74 10.04 -15.39
CA LEU C 61 -22.73 9.02 -15.34
C LEU C 61 -22.99 8.01 -14.20
N GLY C 62 -23.36 8.52 -13.02
CA GLY C 62 -23.72 7.67 -11.91
C GLY C 62 -24.92 6.80 -12.20
N GLU C 63 -25.92 7.35 -12.86
CA GLU C 63 -27.09 6.57 -13.28
C GLU C 63 -26.78 5.47 -14.27
N LEU C 64 -25.82 5.73 -15.17
CA LEU C 64 -25.38 4.67 -16.10
C LEU C 64 -24.66 3.54 -15.38
N LEU C 65 -23.81 3.88 -14.40
CA LEU C 65 -23.18 2.85 -13.60
C LEU C 65 -24.22 2.02 -12.90
N GLU C 66 -25.25 2.65 -12.38
CA GLU C 66 -26.27 1.91 -11.64
C GLU C 66 -27.10 1.01 -12.54
N LEU C 67 -27.29 1.46 -13.77
CA LEU C 67 -27.95 0.64 -14.80
C LEU C 67 -27.11 -0.58 -15.18
N ALA C 68 -25.83 -0.36 -15.43
CA ALA C 68 -24.94 -1.47 -15.68
C ALA C 68 -24.91 -2.45 -14.51
N ASP C 69 -24.96 -1.92 -13.28
CA ASP C 69 -24.86 -2.75 -12.09
C ASP C 69 -26.04 -3.67 -11.92
N ARG C 70 -27.20 -3.26 -12.42
CA ARG C 70 -28.44 -4.07 -12.34
C ARG C 70 -28.61 -5.07 -13.50
N ASN C 71 -27.80 -4.98 -14.51
CA ASN C 71 -27.92 -5.88 -15.65
C ASN C 71 -27.11 -7.16 -15.43
N ARG C 72 -27.81 -8.26 -15.26
CA ARG C 72 -27.19 -9.55 -14.99
C ARG C 72 -26.30 -10.09 -16.11
N ASP C 73 -26.41 -9.59 -17.34
CA ASP C 73 -25.51 -10.03 -18.42
C ASP C 73 -24.20 -9.26 -18.47
N VAL C 74 -24.12 -8.14 -17.76
CA VAL C 74 -22.91 -7.31 -17.75
C VAL C 74 -21.94 -7.76 -16.67
N TYR C 75 -20.68 -7.97 -17.07
CA TYR C 75 -19.59 -8.28 -16.13
C TYR C 75 -18.53 -7.20 -16.03
N PHE C 76 -18.42 -6.34 -17.05
CA PHE C 76 -17.43 -5.29 -17.11
C PHE C 76 -18.10 -4.00 -17.58
N THR C 77 -17.73 -2.89 -16.98
CA THR C 77 -18.21 -1.58 -17.30
C THR C 77 -17.01 -0.84 -17.77
N ILE C 78 -17.04 -0.37 -19.01
CA ILE C 78 -15.89 0.25 -19.64
C ILE C 78 -16.20 1.69 -19.93
N ILE C 79 -15.34 2.58 -19.47
CA ILE C 79 -15.51 4.00 -19.67
C ILE C 79 -14.47 4.49 -20.66
N GLN C 80 -14.96 5.06 -21.75
CA GLN C 80 -14.12 5.50 -22.87
C GLN C 80 -14.48 6.92 -23.16
N SER C 81 -13.54 7.64 -23.73
CA SER C 81 -13.77 9.05 -24.07
C SER C 81 -13.37 9.30 -25.53
N SER C 82 -13.15 10.56 -25.87
CA SER C 82 -13.01 10.99 -27.26
C SER C 82 -12.08 12.18 -27.34
N GLY C 83 -11.37 12.30 -28.47
CA GLY C 83 -10.51 13.45 -28.67
C GLY C 83 -9.20 13.27 -27.93
N ARG C 84 -8.59 14.37 -27.57
CA ARG C 84 -7.27 14.39 -26.97
C ARG C 84 -7.24 14.38 -25.44
N PHE C 85 -8.39 14.67 -24.82
CA PHE C 85 -8.55 14.61 -23.37
C PHE C 85 -9.53 13.52 -23.00
N PHE C 86 -9.28 12.87 -21.87
CA PHE C 86 -10.31 12.02 -21.27
C PHE C 86 -11.41 12.92 -20.80
N SER C 87 -11.06 13.88 -19.97
CA SER C 87 -12.00 14.87 -19.49
C SER C 87 -11.24 15.96 -18.77
N SER C 88 -11.56 17.21 -19.07
CA SER C 88 -10.93 18.33 -18.40
C SER C 88 -11.62 18.68 -17.08
N GLY C 89 -12.61 17.89 -16.69
CA GLY C 89 -13.15 18.01 -15.35
C GLY C 89 -14.47 18.74 -15.36
N ALA C 90 -14.79 19.34 -14.24
CA ALA C 90 -16.05 20.07 -14.10
C ALA C 90 -16.07 21.27 -15.04
N ASP C 91 -17.21 21.46 -15.68
CA ASP C 91 -17.42 22.54 -16.61
C ASP C 91 -17.61 23.85 -15.84
N PHE C 92 -16.66 24.77 -16.04
CA PHE C 92 -16.67 26.06 -15.33
C PHE C 92 -17.83 26.97 -15.74
N LYS C 93 -18.22 26.96 -17.02
CA LYS C 93 -19.39 27.70 -17.49
C LYS C 93 -20.65 27.30 -16.71
N GLY C 94 -20.84 25.99 -16.53
CA GLY C 94 -21.95 25.49 -15.72
C GLY C 94 -21.87 25.93 -14.26
N ILE C 95 -20.66 25.97 -13.72
CA ILE C 95 -20.42 26.45 -12.34
C ILE C 95 -20.83 27.94 -12.19
N ALA C 96 -20.44 28.76 -13.18
CA ALA C 96 -20.81 30.18 -13.22
C ALA C 96 -22.31 30.38 -13.33
N LYS C 97 -23.00 29.49 -14.05
CA LYS C 97 -24.47 29.51 -14.11
C LYS C 97 -25.08 29.29 -12.71
N ALA C 98 -24.49 28.41 -11.91
CA ALA C 98 -24.92 28.19 -10.52
C ALA C 98 -24.56 29.34 -9.54
N GLN C 99 -24.15 30.50 -10.07
CA GLN C 99 -23.80 31.69 -9.29
C GLN C 99 -24.45 32.93 -9.88
N LYS C 105 -34.02 31.91 -5.62
CA LYS C 105 -33.90 30.49 -5.97
C LYS C 105 -33.46 29.62 -4.77
N TYR C 106 -32.50 30.11 -3.97
CA TYR C 106 -32.02 29.42 -2.77
C TYR C 106 -31.98 30.36 -1.57
N PRO C 107 -32.46 29.91 -0.40
CA PRO C 107 -32.48 30.78 0.78
C PRO C 107 -31.10 31.20 1.31
N SER C 108 -30.04 30.49 0.94
CA SER C 108 -28.69 30.83 1.37
C SER C 108 -27.67 30.27 0.40
N GLU C 109 -26.45 30.77 0.50
CA GLU C 109 -25.30 30.22 -0.20
C GLU C 109 -25.11 28.74 0.17
N THR C 110 -25.20 28.43 1.47
CA THR C 110 -25.09 27.05 1.93
C THR C 110 -26.10 26.17 1.20
N SER C 111 -27.36 26.58 1.18
CA SER C 111 -28.38 25.78 0.52
C SER C 111 -28.09 25.58 -0.96
N LYS C 112 -27.59 26.63 -1.62
CA LYS C 112 -27.28 26.53 -3.01
C LYS C 112 -26.19 25.46 -3.26
N TRP C 113 -25.13 25.53 -2.49
CA TRP C 113 -23.99 24.63 -2.69
C TRP C 113 -24.29 23.20 -2.25
N VAL C 114 -25.18 23.04 -1.27
CA VAL C 114 -25.62 21.72 -0.87
C VAL C 114 -26.32 21.07 -2.06
N SER C 115 -27.17 21.82 -2.72
CA SER C 115 -27.85 21.31 -3.91
C SER C 115 -26.99 21.10 -5.15
N ASN C 116 -26.11 22.04 -5.42
CA ASN C 116 -25.36 22.02 -6.65
C ASN C 116 -24.09 21.16 -6.55
N PHE C 117 -23.36 21.23 -5.45
CA PHE C 117 -22.07 20.55 -5.35
C PHE C 117 -22.16 19.30 -4.49
N VAL C 118 -22.64 19.45 -3.26
CA VAL C 118 -22.63 18.36 -2.30
C VAL C 118 -23.34 17.16 -2.89
N ALA C 119 -24.52 17.40 -3.43
CA ALA C 119 -25.45 16.36 -3.84
C ALA C 119 -24.90 15.55 -4.98
N ARG C 120 -24.48 16.27 -6.01
N ARG C 120 -24.49 16.24 -6.02
CA ARG C 120 -23.87 15.70 -7.18
CA ARG C 120 -23.94 15.59 -7.17
C ARG C 120 -22.66 14.83 -6.84
C ARG C 120 -22.65 14.81 -6.85
N ASN C 121 -21.74 15.39 -6.06
CA ASN C 121 -20.49 14.72 -5.71
C ASN C 121 -20.73 13.47 -4.87
N VAL C 122 -21.64 13.52 -3.89
CA VAL C 122 -21.80 12.35 -3.07
C VAL C 122 -22.43 11.26 -3.86
N TYR C 123 -23.30 11.62 -4.79
CA TYR C 123 -24.04 10.62 -5.57
C TYR C 123 -23.12 9.89 -6.54
N VAL C 124 -22.35 10.63 -7.33
CA VAL C 124 -21.54 10.00 -8.35
C VAL C 124 -20.35 9.24 -7.76
N THR C 125 -19.75 9.78 -6.69
CA THR C 125 -18.66 9.09 -6.05
C THR C 125 -19.17 7.76 -5.47
N ASP C 126 -20.35 7.81 -4.83
CA ASP C 126 -20.97 6.60 -4.31
C ASP C 126 -21.23 5.55 -5.41
N ALA C 127 -21.68 6.00 -6.55
CA ALA C 127 -21.99 5.06 -7.64
C ALA C 127 -20.70 4.29 -8.07
N PHE C 128 -19.58 5.00 -8.14
CA PHE C 128 -18.32 4.34 -8.43
C PHE C 128 -17.85 3.43 -7.31
N ILE C 129 -17.91 3.92 -6.06
CA ILE C 129 -17.42 3.16 -4.95
C ILE C 129 -18.10 1.80 -4.84
N LYS C 130 -19.41 1.76 -4.96
CA LYS C 130 -20.14 0.53 -4.76
C LYS C 130 -20.31 -0.36 -5.96
N HIS C 131 -19.90 0.11 -7.14
CA HIS C 131 -20.14 -0.60 -8.39
C HIS C 131 -19.60 -2.06 -8.33
N SER C 132 -20.42 -3.04 -8.69
CA SER C 132 -20.08 -4.44 -8.49
C SER C 132 -19.48 -5.09 -9.72
N LYS C 133 -19.54 -4.41 -10.87
CA LYS C 133 -18.94 -4.94 -12.10
C LYS C 133 -17.52 -4.42 -12.20
N VAL C 134 -16.69 -5.10 -12.98
CA VAL C 134 -15.30 -4.72 -13.12
C VAL C 134 -15.26 -3.45 -13.93
N LEU C 135 -14.64 -2.43 -13.40
CA LEU C 135 -14.71 -1.12 -13.94
C LEU C 135 -13.37 -0.75 -14.57
N ILE C 136 -13.38 -0.53 -15.89
CA ILE C 136 -12.19 -0.31 -16.66
C ILE C 136 -12.22 1.06 -17.30
N CYS C 137 -11.16 1.82 -17.15
CA CYS C 137 -11.07 3.12 -17.75
C CYS C 137 -10.08 3.08 -18.94
N CYS C 138 -10.55 3.56 -20.10
CA CYS C 138 -9.68 3.76 -21.27
C CYS C 138 -9.22 5.17 -21.33
N LEU C 139 -8.01 5.39 -20.90
CA LEU C 139 -7.53 6.74 -20.71
C LEU C 139 -6.88 7.23 -22.03
N ASN C 140 -7.66 8.00 -22.79
CA ASN C 140 -7.26 8.48 -24.12
C ASN C 140 -6.54 9.80 -24.08
N GLY C 141 -6.25 10.31 -22.90
CA GLY C 141 -5.61 11.60 -22.74
C GLY C 141 -5.77 12.03 -21.29
N PRO C 142 -5.39 13.24 -20.97
CA PRO C 142 -5.41 13.63 -19.57
C PRO C 142 -6.80 13.69 -18.94
N ALA C 143 -6.82 13.58 -17.61
CA ALA C 143 -8.04 13.79 -16.83
C ALA C 143 -7.72 14.73 -15.70
N ILE C 144 -8.70 15.54 -15.37
CA ILE C 144 -8.54 16.61 -14.42
C ILE C 144 -9.67 16.66 -13.40
N GLY C 145 -9.33 16.98 -12.15
CA GLY C 145 -10.36 17.23 -11.13
C GLY C 145 -11.24 16.04 -10.82
N LEU C 146 -12.54 16.28 -10.73
CA LEU C 146 -13.46 15.24 -10.36
C LEU C 146 -13.41 14.09 -11.37
N SER C 147 -13.17 14.39 -12.65
CA SER C 147 -13.06 13.31 -13.64
C SER C 147 -11.85 12.45 -13.40
N ALA C 148 -10.73 13.07 -13.01
CA ALA C 148 -9.56 12.31 -12.61
C ALA C 148 -9.76 11.50 -11.32
N ALA C 149 -10.60 11.99 -10.41
CA ALA C 149 -10.95 11.22 -9.22
C ALA C 149 -11.64 9.95 -9.61
N LEU C 150 -12.53 10.04 -10.60
CA LEU C 150 -13.28 8.87 -11.04
C LEU C 150 -12.39 7.84 -11.72
N VAL C 151 -11.42 8.31 -12.47
CA VAL C 151 -10.42 7.41 -13.04
C VAL C 151 -9.70 6.64 -11.93
N ALA C 152 -9.35 7.33 -10.85
CA ALA C 152 -8.65 6.69 -9.72
C ALA C 152 -9.53 5.67 -8.94
N LEU C 153 -10.84 5.75 -9.12
CA LEU C 153 -11.77 4.77 -8.55
C LEU C 153 -12.00 3.55 -9.41
N CYS C 154 -11.54 3.58 -10.65
CA CYS C 154 -11.70 2.41 -11.53
C CYS C 154 -10.76 1.29 -11.08
N ASP C 155 -11.11 0.06 -11.41
CA ASP C 155 -10.34 -1.11 -11.04
C ASP C 155 -9.09 -1.31 -11.92
N ILE C 156 -9.20 -0.97 -13.20
CA ILE C 156 -8.15 -1.19 -14.21
C ILE C 156 -8.14 0.01 -15.16
N VAL C 157 -6.94 0.47 -15.51
CA VAL C 157 -6.75 1.63 -16.37
C VAL C 157 -5.76 1.27 -17.50
N TYR C 158 -6.19 1.51 -18.73
CA TYR C 158 -5.32 1.37 -19.92
C TYR C 158 -5.07 2.76 -20.48
N SER C 159 -3.85 3.05 -20.88
CA SER C 159 -3.53 4.37 -21.45
C SER C 159 -3.30 4.29 -22.96
N ILE C 160 -3.64 5.36 -23.65
CA ILE C 160 -3.42 5.42 -25.10
C ILE C 160 -1.94 5.55 -25.44
N ASN C 161 -1.24 6.39 -24.70
CA ASN C 161 0.18 6.61 -24.89
C ASN C 161 0.76 7.29 -23.65
N ASP C 162 2.05 7.57 -23.68
CA ASP C 162 2.75 8.06 -22.52
C ASP C 162 2.61 9.53 -22.27
N LYS C 163 1.66 10.18 -22.92
CA LYS C 163 1.44 11.58 -22.65
C LYS C 163 0.25 11.80 -21.72
N VAL C 164 -0.46 10.75 -21.34
CA VAL C 164 -1.55 10.91 -20.37
C VAL C 164 -0.99 11.38 -19.03
N TYR C 165 -1.81 12.12 -18.28
CA TYR C 165 -1.51 12.50 -16.90
C TYR C 165 -2.84 12.72 -16.14
N LEU C 166 -2.77 12.74 -14.81
CA LEU C 166 -3.92 13.08 -13.99
C LEU C 166 -3.56 14.29 -13.21
N LEU C 167 -4.46 15.26 -13.17
CA LEU C 167 -4.20 16.47 -12.42
C LEU C 167 -5.35 16.73 -11.46
N TYR C 168 -5.00 17.03 -10.22
CA TYR C 168 -5.96 17.32 -9.17
C TYR C 168 -5.66 18.72 -8.66
N PRO C 169 -6.26 19.75 -9.30
CA PRO C 169 -5.82 21.10 -9.06
C PRO C 169 -6.52 21.80 -7.90
N PHE C 170 -6.80 21.06 -6.84
CA PHE C 170 -7.66 21.60 -5.81
C PHE C 170 -7.02 22.79 -5.11
N ALA C 171 -5.72 22.72 -4.89
CA ALA C 171 -5.03 23.80 -4.17
C ALA C 171 -5.06 25.11 -4.98
N ASN C 172 -5.07 24.98 -6.29
CA ASN C 172 -5.13 26.13 -7.14
C ASN C 172 -6.53 26.69 -7.32
N LEU C 173 -7.54 25.83 -7.15
CA LEU C 173 -8.92 26.26 -7.21
C LEU C 173 -9.52 26.69 -5.88
N GLY C 174 -8.78 26.58 -4.79
CA GLY C 174 -9.34 26.87 -3.46
C GLY C 174 -10.36 25.83 -2.97
N LEU C 175 -10.13 24.56 -3.32
CA LEU C 175 -10.99 23.45 -2.92
C LEU C 175 -10.15 22.43 -2.15
N ILE C 176 -10.75 21.28 -1.84
CA ILE C 176 -10.03 20.17 -1.21
C ILE C 176 -10.27 18.89 -2.00
N THR C 177 -9.89 17.74 -1.45
CA THR C 177 -10.01 16.47 -2.14
C THR C 177 -11.47 16.17 -2.46
N GLU C 178 -11.69 15.56 -3.61
CA GLU C 178 -13.02 15.17 -4.08
C GLU C 178 -13.01 13.77 -4.65
N GLY C 179 -14.20 13.21 -4.80
CA GLY C 179 -14.37 11.95 -5.47
C GLY C 179 -13.59 10.80 -4.88
N GLY C 180 -13.39 10.83 -3.58
CA GLY C 180 -12.69 9.74 -2.88
C GLY C 180 -11.17 9.77 -2.98
N THR C 181 -10.62 10.84 -3.54
CA THR C 181 -9.16 10.97 -3.71
C THR C 181 -8.43 10.99 -2.40
N THR C 182 -9.10 11.37 -1.32
CA THR C 182 -8.54 11.29 0.04
C THR C 182 -7.99 9.88 0.28
N VAL C 183 -8.71 8.88 -0.22
CA VAL C 183 -8.31 7.50 -0.03
C VAL C 183 -7.58 6.94 -1.25
N SER C 184 -8.10 7.19 -2.44
CA SER C 184 -7.58 6.52 -3.64
C SER C 184 -6.15 6.94 -3.97
N LEU C 185 -5.80 8.20 -3.77
CA LEU C 185 -4.47 8.64 -4.21
C LEU C 185 -3.36 8.08 -3.35
N PRO C 186 -3.48 8.18 -2.02
CA PRO C 186 -2.44 7.52 -1.23
C PRO C 186 -2.39 6.03 -1.46
N LEU C 187 -3.54 5.41 -1.63
CA LEU C 187 -3.62 3.98 -1.87
C LEU C 187 -2.95 3.56 -3.18
N LYS C 188 -3.12 4.34 -4.23
CA LYS C 188 -2.61 3.93 -5.55
C LYS C 188 -1.29 4.58 -5.95
N PHE C 189 -0.89 5.67 -5.29
CA PHE C 189 0.35 6.34 -5.61
C PHE C 189 1.33 6.50 -4.45
N GLY C 190 0.90 6.16 -3.25
CA GLY C 190 1.68 6.38 -2.07
C GLY C 190 1.42 7.73 -1.45
N THR C 191 1.66 7.81 -0.15
CA THR C 191 1.37 9.00 0.60
C THR C 191 2.29 10.14 0.25
N ASN C 192 3.59 9.91 0.23
CA ASN C 192 4.52 11.04 0.00
C ASN C 192 4.34 11.65 -1.41
N THR C 193 4.17 10.81 -2.43
CA THR C 193 3.88 11.31 -3.76
C THR C 193 2.60 12.12 -3.81
N THR C 194 1.58 11.63 -3.12
CA THR C 194 0.29 12.30 -3.09
C THR C 194 0.40 13.70 -2.50
N TYR C 195 1.11 13.85 -1.40
CA TYR C 195 1.31 15.18 -0.79
C TYR C 195 2.06 16.13 -1.73
N GLU C 196 3.13 15.67 -2.34
CA GLU C 196 3.84 16.51 -3.33
C GLU C 196 2.91 16.99 -4.44
N CYS C 197 2.15 16.08 -5.05
CA CYS C 197 1.23 16.46 -6.12
C CYS C 197 0.04 17.33 -5.69
N LEU C 198 -0.59 17.01 -4.57
CA LEU C 198 -1.78 17.74 -4.17
C LEU C 198 -1.45 19.07 -3.54
N MET C 199 -0.43 19.11 -2.69
CA MET C 199 -0.11 20.34 -2.00
C MET C 199 0.35 21.41 -2.98
N PHE C 200 1.04 21.00 -4.05
CA PHE C 200 1.67 21.96 -4.97
C PHE C 200 1.04 21.95 -6.36
N ASN C 201 -0.12 21.30 -6.50
CA ASN C 201 -0.86 21.30 -7.75
C ASN C 201 0.01 20.79 -8.88
N LYS C 202 0.59 19.62 -8.71
CA LYS C 202 1.39 19.02 -9.76
C LYS C 202 0.73 17.75 -10.27
N PRO C 203 0.92 17.44 -11.56
CA PRO C 203 0.25 16.28 -12.14
C PRO C 203 0.88 14.96 -11.69
N PHE C 204 0.08 13.91 -11.70
CA PHE C 204 0.58 12.55 -11.62
C PHE C 204 0.82 12.16 -13.08
N LYS C 205 2.09 12.15 -13.48
CA LYS C 205 2.45 11.90 -14.87
C LYS C 205 2.55 10.45 -15.17
N TYR C 206 2.62 10.18 -16.47
CA TYR C 206 2.74 8.83 -16.96
C TYR C 206 3.77 7.99 -16.22
N ASP C 207 4.96 8.54 -15.99
CA ASP C 207 6.00 7.75 -15.34
C ASP C 207 5.62 7.32 -13.92
N ILE C 208 5.03 8.24 -13.14
CA ILE C 208 4.59 7.92 -11.79
C ILE C 208 3.41 6.92 -11.85
N MET C 209 2.53 7.04 -12.83
CA MET C 209 1.45 6.06 -13.04
C MET C 209 2.00 4.68 -13.34
N CME C 210 3.00 4.58 -14.21
CA CME C 210 3.60 3.26 -14.57
CB CME C 210 4.53 3.27 -15.81
SG CME C 210 3.60 3.16 -17.32
SD CME C 210 2.92 1.22 -17.62
CE CME C 210 3.39 0.51 -19.21
CZ CME C 210 3.15 -1.02 -19.33
OH CME C 210 2.64 -1.52 -20.61
C CME C 210 4.34 2.68 -13.40
O CME C 210 4.23 1.52 -13.14
N GLU C 211 5.12 3.48 -12.71
CA GLU C 211 5.89 2.99 -11.57
C GLU C 211 5.02 2.47 -10.42
N ASN C 212 3.83 3.01 -10.23
CA ASN C 212 2.93 2.50 -9.18
C ASN C 212 1.98 1.45 -9.69
N GLY C 213 2.14 1.01 -10.94
CA GLY C 213 1.26 0.02 -11.53
C GLY C 213 -0.19 0.53 -11.67
N PHE C 214 -0.39 1.83 -11.77
CA PHE C 214 -1.72 2.38 -11.96
C PHE C 214 -2.28 2.04 -13.35
N ILE C 215 -1.40 2.09 -14.34
CA ILE C 215 -1.76 1.74 -15.71
C ILE C 215 -1.38 0.31 -15.92
N SER C 216 -2.31 -0.52 -16.36
CA SER C 216 -2.01 -1.92 -16.58
C SER C 216 -1.45 -2.17 -18.00
N LYS C 217 -1.75 -1.32 -18.97
CA LYS C 217 -1.14 -1.46 -20.30
C LYS C 217 -1.21 -0.14 -21.03
N ASN C 218 -0.06 0.27 -21.58
CA ASN C 218 0.05 1.39 -22.45
C ASN C 218 -0.01 0.90 -23.91
N PHE C 219 -0.97 1.38 -24.69
CA PHE C 219 -1.18 0.87 -26.05
C PHE C 219 -0.25 1.56 -27.06
N ASN C 220 0.37 2.65 -26.64
CA ASN C 220 1.30 3.38 -27.47
C ASN C 220 0.75 3.66 -28.88
N MET C 221 -0.38 4.38 -28.92
CA MET C 221 -1.06 4.78 -30.13
C MET C 221 -1.08 6.28 -30.18
N PRO C 222 -1.27 6.84 -31.37
CA PRO C 222 -1.29 8.31 -31.47
C PRO C 222 -2.54 8.95 -30.87
N SER C 223 -2.37 10.13 -30.25
CA SER C 223 -3.46 10.85 -29.61
C SER C 223 -4.55 11.33 -30.55
N SER C 224 -4.27 11.28 -31.85
CA SER C 224 -5.23 11.75 -32.83
C SER C 224 -6.29 10.70 -33.11
N ASN C 225 -6.16 9.48 -32.59
CA ASN C 225 -7.20 8.49 -32.83
C ASN C 225 -7.62 7.67 -31.56
N ALA C 226 -8.34 8.36 -30.68
CA ALA C 226 -8.99 7.76 -29.51
C ALA C 226 -9.87 6.62 -29.96
N GLU C 227 -10.51 6.80 -31.12
CA GLU C 227 -11.44 5.81 -31.62
C GLU C 227 -10.78 4.46 -31.87
N ALA C 228 -9.61 4.50 -32.48
CA ALA C 228 -8.89 3.26 -32.79
C ALA C 228 -8.40 2.60 -31.49
N PHE C 229 -7.93 3.43 -30.56
CA PHE C 229 -7.54 3.00 -29.21
C PHE C 229 -8.71 2.31 -28.52
N ASN C 230 -9.86 2.97 -28.50
CA ASN C 230 -11.03 2.39 -27.85
C ASN C 230 -11.44 1.08 -28.42
N ALA C 231 -11.38 0.95 -29.75
CA ALA C 231 -11.75 -0.29 -30.38
C ALA C 231 -10.72 -1.38 -30.07
N LYS C 232 -9.47 -1.01 -30.08
CA LYS C 232 -8.39 -1.97 -29.81
C LYS C 232 -8.48 -2.53 -28.37
N VAL C 233 -8.82 -1.68 -27.40
CA VAL C 233 -9.01 -2.17 -26.01
C VAL C 233 -10.11 -3.19 -26.01
N LEU C 234 -11.21 -2.87 -26.69
CA LEU C 234 -12.35 -3.81 -26.66
C LEU C 234 -12.01 -5.12 -27.32
N GLU C 235 -11.22 -5.05 -28.37
CA GLU C 235 -10.79 -6.26 -29.06
C GLU C 235 -9.92 -7.13 -28.16
N GLU C 236 -8.95 -6.53 -27.47
CA GLU C 236 -8.15 -7.30 -26.51
C GLU C 236 -8.97 -7.86 -25.39
N LEU C 237 -9.90 -7.05 -24.84
CA LEU C 237 -10.82 -7.57 -23.80
C LEU C 237 -11.63 -8.76 -24.25
N ARG C 238 -12.18 -8.76 -25.46
CA ARG C 238 -12.89 -9.96 -25.97
C ARG C 238 -11.99 -11.20 -26.02
N GLU C 239 -10.72 -11.01 -26.36
CA GLU C 239 -9.77 -12.11 -26.34
C GLU C 239 -9.49 -12.58 -24.91
N LYS C 240 -9.23 -11.62 -23.99
CA LYS C 240 -8.85 -11.98 -22.61
C LYS C 240 -9.94 -12.66 -21.83
N VAL C 241 -11.22 -12.38 -22.11
CA VAL C 241 -12.26 -13.06 -21.35
C VAL C 241 -12.58 -14.46 -21.81
N LYS C 242 -12.06 -14.89 -22.95
CA LYS C 242 -12.38 -16.23 -23.45
C LYS C 242 -11.92 -17.33 -22.52
N GLY C 243 -12.80 -18.27 -22.21
CA GLY C 243 -12.51 -19.34 -21.30
C GLY C 243 -12.65 -19.01 -19.81
N LEU C 244 -12.75 -17.73 -19.45
CA LEU C 244 -12.93 -17.37 -18.02
C LEU C 244 -14.35 -17.65 -17.58
N TYR C 245 -14.48 -18.02 -16.31
CA TYR C 245 -15.74 -18.11 -15.68
C TYR C 245 -16.08 -16.76 -15.08
N LEU C 246 -16.93 -16.02 -15.78
CA LEU C 246 -17.12 -14.62 -15.44
C LEU C 246 -17.72 -14.37 -14.04
N PRO C 247 -18.58 -15.25 -13.54
CA PRO C 247 -19.06 -15.02 -12.19
C PRO C 247 -17.93 -15.01 -11.15
N SER C 248 -16.80 -15.67 -11.44
CA SER C 248 -15.62 -15.62 -10.59
C SER C 248 -15.05 -14.24 -10.50
N CYS C 249 -15.03 -13.52 -11.63
CA CYS C 249 -14.55 -12.14 -11.65
C CYS C 249 -15.33 -11.26 -10.65
N LEU C 250 -16.64 -11.39 -10.67
CA LEU C 250 -17.51 -10.62 -9.78
C LEU C 250 -17.42 -11.07 -8.33
N GLY C 251 -17.26 -12.37 -8.12
CA GLY C 251 -17.08 -12.91 -6.80
C GLY C 251 -15.78 -12.40 -6.18
N MET C 252 -14.71 -12.38 -6.97
CA MET C 252 -13.45 -11.87 -6.50
C MET C 252 -13.53 -10.37 -6.23
N LYS C 253 -14.13 -9.61 -7.15
CA LYS C 253 -14.27 -8.17 -6.91
C LYS C 253 -15.07 -7.88 -5.60
N LYS C 254 -16.09 -8.65 -5.35
CA LYS C 254 -16.88 -8.45 -4.17
C LYS C 254 -16.03 -8.57 -2.89
N LEU C 255 -15.09 -9.52 -2.84
CA LEU C 255 -14.19 -9.63 -1.73
C LEU C 255 -13.13 -8.54 -1.72
N LEU C 256 -12.55 -8.24 -2.89
CA LEU C 256 -11.54 -7.20 -2.97
C LEU C 256 -12.07 -5.85 -2.54
N LYS C 257 -13.30 -5.52 -2.92
CA LYS C 257 -13.93 -4.24 -2.58
C LYS C 257 -14.02 -4.02 -1.05
N SER C 258 -14.13 -5.11 -0.31
CA SER C 258 -14.33 -5.01 1.15
C SER C 258 -13.06 -4.54 1.86
N ASN C 259 -11.92 -4.53 1.20
CA ASN C 259 -10.72 -4.03 1.87
C ASN C 259 -10.83 -2.54 2.24
N HIS C 260 -11.41 -1.72 1.37
CA HIS C 260 -11.40 -0.28 1.63
C HIS C 260 -12.76 0.39 1.55
N ILE C 261 -13.82 -0.40 1.44
CA ILE C 261 -15.15 0.15 1.18
C ILE C 261 -15.54 1.13 2.28
N ASP C 262 -15.26 0.78 3.53
CA ASP C 262 -15.59 1.65 4.66
C ASP C 262 -14.85 2.99 4.60
N ALA C 263 -13.56 2.94 4.33
CA ALA C 263 -12.78 4.17 4.19
C ALA C 263 -13.28 5.03 3.05
N PHE C 264 -13.67 4.42 1.92
CA PHE C 264 -14.20 5.21 0.84
C PHE C 264 -15.52 5.87 1.22
N ASN C 265 -16.44 5.13 1.85
CA ASN C 265 -17.72 5.70 2.18
C ASN C 265 -17.58 6.81 3.23
N LYS C 266 -16.74 6.60 4.21
CA LYS C 266 -16.40 7.63 5.20
C LYS C 266 -15.81 8.87 4.50
N ALA C 267 -14.89 8.67 3.58
CA ALA C 267 -14.28 9.82 2.88
C ALA C 267 -15.27 10.59 2.05
N ASN C 268 -16.21 9.91 1.43
CA ASN C 268 -17.14 10.56 0.54
C ASN C 268 -17.95 11.59 1.31
N SER C 269 -18.49 11.16 2.44
CA SER C 269 -19.28 12.02 3.31
C SER C 269 -18.48 13.21 3.84
N VAL C 270 -17.26 12.96 4.30
CA VAL C 270 -16.48 14.08 4.86
C VAL C 270 -15.99 15.02 3.75
N GLU C 271 -15.53 14.50 2.62
CA GLU C 271 -15.05 15.37 1.55
C GLU C 271 -16.12 16.40 1.12
N VAL C 272 -17.29 15.91 0.90
CA VAL C 272 -18.38 16.71 0.35
C VAL C 272 -18.83 17.78 1.37
N ASN C 273 -18.95 17.41 2.64
CA ASN C 273 -19.31 18.37 3.68
C ASN C 273 -18.21 19.35 4.04
N GLU C 274 -16.96 18.90 4.06
CA GLU C 274 -15.85 19.83 4.34
C GLU C 274 -15.59 20.82 3.18
N SER C 275 -15.98 20.47 1.98
CA SER C 275 -15.80 21.36 0.84
C SER C 275 -16.73 22.60 0.90
N LEU C 276 -17.85 22.49 1.60
CA LEU C 276 -18.84 23.55 1.66
C LEU C 276 -18.34 24.87 2.12
N LYS C 277 -17.53 24.90 3.18
CA LYS C 277 -16.99 26.16 3.65
C LYS C 277 -16.11 26.85 2.59
N TYR C 278 -15.52 26.09 1.66
CA TYR C 278 -14.65 26.65 0.62
C TYR C 278 -15.55 27.33 -0.39
N TRP C 279 -16.61 26.66 -0.80
CA TRP C 279 -17.57 27.27 -1.74
C TRP C 279 -18.29 28.48 -1.16
N VAL C 280 -18.75 28.36 0.08
CA VAL C 280 -19.47 29.43 0.76
C VAL C 280 -18.60 30.64 1.00
N ASP C 281 -17.34 30.44 1.34
CA ASP C 281 -16.39 31.55 1.46
C ASP C 281 -16.17 32.28 0.13
N GLY C 282 -16.32 31.61 -1.01
CA GLY C 282 -16.26 32.26 -2.33
C GLY C 282 -14.96 32.10 -3.14
N GLU C 283 -13.87 31.69 -2.48
CA GLU C 283 -12.59 31.57 -3.16
C GLU C 283 -12.63 30.79 -4.50
N PRO C 284 -13.31 29.62 -4.54
CA PRO C 284 -13.29 28.87 -5.82
C PRO C 284 -13.93 29.61 -6.97
N LEU C 285 -14.92 30.43 -6.67
CA LEU C 285 -15.65 31.18 -7.68
C LEU C 285 -14.76 32.27 -8.30
N LYS C 286 -14.08 33.05 -7.45
CA LYS C 286 -13.04 33.97 -7.92
C LYS C 286 -12.07 33.26 -8.85
N ARG C 287 -11.47 32.19 -8.36
CA ARG C 287 -10.45 31.45 -9.12
C ARG C 287 -10.98 30.69 -10.33
N PHE C 288 -12.20 30.15 -10.24
CA PHE C 288 -12.84 29.48 -11.40
C PHE C 288 -13.07 30.50 -12.52
N ARG C 289 -13.03 31.80 -12.17
CA ARG C 289 -13.10 32.90 -13.11
C ARG C 289 -11.73 33.60 -13.31
N GLN C 290 -10.63 32.86 -13.34
CA GLN C 290 -9.25 33.43 -13.34
C GLN C 290 -9.16 34.93 -13.07
S SO4 D . 18.14 -23.48 -16.47
O1 SO4 D . 19.48 -23.30 -17.09
O2 SO4 D . 17.03 -23.77 -17.40
O3 SO4 D . 17.86 -22.17 -15.79
O4 SO4 D . 18.25 -24.70 -15.62
S SO4 E . 16.33 -29.96 -7.38
O1 SO4 E . 17.79 -29.97 -7.11
O2 SO4 E . 16.22 -28.90 -8.41
O3 SO4 E . 15.58 -29.72 -6.14
O4 SO4 E . 15.78 -31.27 -7.84
S SO4 F . 13.67 -9.85 26.25
O1 SO4 F . 13.59 -10.94 25.24
O2 SO4 F . 14.82 -8.94 25.98
O3 SO4 F . 12.42 -9.09 26.24
O4 SO4 F . 13.84 -10.46 27.60
N1A CO8 G . -2.02 -31.77 -9.97
C2A CO8 G . -1.71 -33.01 -10.37
N3A CO8 G . -0.62 -33.30 -11.11
C4A CO8 G . 0.25 -32.32 -11.47
C5A CO8 G . -0.02 -30.94 -11.05
C6A CO8 G . -1.25 -30.68 -10.25
N6A CO8 G . -1.56 -29.43 -9.82
N7A CO8 G . 0.98 -30.19 -11.51
C8A CO8 G . 1.82 -31.00 -12.18
N9A CO8 G . 1.41 -32.26 -12.15
C1B CO8 G . 2.14 -33.36 -12.83
C2B CO8 G . 1.59 -33.45 -14.24
O2B CO8 G . 0.32 -34.13 -14.30
C3B CO8 G . 2.76 -34.13 -14.94
O3B CO8 G . 2.78 -35.52 -14.64
P3B CO8 G . 2.95 -36.66 -15.75
O7A CO8 G . 2.26 -37.84 -15.13
O8A CO8 G . 2.27 -36.13 -17.01
O9A CO8 G . 4.46 -36.75 -15.87
C4B CO8 G . 4.00 -33.49 -14.30
O4B CO8 G . 3.56 -33.13 -12.98
C5B CO8 G . 4.51 -32.31 -15.12
O5B CO8 G . 3.38 -31.54 -15.55
P1A CO8 G . 3.36 -30.59 -16.87
O1A CO8 G . 1.95 -30.07 -17.04
O2A CO8 G . 4.03 -31.36 -17.99
O3A CO8 G . 4.31 -29.35 -16.45
P2A CO8 G . 4.66 -28.03 -17.34
O4A CO8 G . 6.05 -27.58 -16.94
O5A CO8 G . 4.33 -28.35 -18.79
O6A CO8 G . 3.60 -26.88 -16.89
CBP CO8 G . 1.73 -26.00 -15.55
CCP CO8 G . 2.89 -26.99 -15.65
CDP CO8 G . 0.81 -26.12 -16.78
CEP CO8 G . 2.25 -24.56 -15.54
CAP CO8 G . 0.97 -26.29 -14.24
OAP CO8 G . 0.21 -25.12 -13.94
C9P CO8 G . 0.14 -27.56 -14.34
O9P CO8 G . 0.64 -28.52 -14.93
N8P CO8 G . -1.06 -27.76 -13.75
C7P CO8 G . -1.56 -27.07 -12.57
C6P CO8 G . -2.10 -25.64 -12.68
C5P CO8 G . -3.32 -25.41 -11.82
O5P CO8 G . -4.17 -24.64 -12.25
N4P CO8 G . -3.39 -26.03 -10.62
C3P CO8 G . -4.44 -25.78 -9.65
C2P CO8 G . -3.95 -24.77 -8.61
S1P CO8 G . -5.29 -23.92 -7.82
C1' CO8 G . -5.19 -24.22 -6.17
O1' CO8 G . -4.24 -24.76 -5.67
C2' CO8 G . -6.30 -23.77 -5.23
C3' CO8 G . -7.59 -24.54 -5.47
C4' CO8 G . -8.27 -25.19 -4.27
C5' CO8 G . -7.43 -25.38 -3.00
C6' CO8 G . -8.14 -26.33 -2.04
C7' CO8 G . -7.16 -27.23 -1.26
C8' CO8 G . -7.86 -28.01 -0.15
C1 GOL H . -8.02 -23.90 -6.13
O1 GOL H . -8.75 -24.68 -5.16
C2 GOL H . -6.64 -23.57 -5.62
O2 GOL H . -6.57 -22.17 -5.29
C3 GOL H . -5.64 -23.87 -6.74
O3 GOL H . -4.46 -24.43 -6.17
C1 GOL I . 1.40 -10.47 6.01
O1 GOL I . 2.48 -10.88 5.11
C2 GOL I . 0.58 -11.60 6.73
O2 GOL I . 0.79 -12.87 6.13
C3 GOL I . 0.88 -11.74 8.23
O3 GOL I . -0.24 -12.05 9.12
S SO4 J . 27.00 22.77 6.35
O1 SO4 J . 27.25 21.55 5.51
O2 SO4 J . 28.34 23.22 6.77
O3 SO4 J . 26.37 23.78 5.48
O4 SO4 J . 26.21 22.60 7.61
S SO4 K . 30.67 15.58 -1.66
O1 SO4 K . 31.38 15.83 -2.94
O2 SO4 K . 31.25 14.45 -0.89
O3 SO4 K . 29.28 15.25 -2.03
O4 SO4 K . 30.76 16.79 -0.79
S SO4 L . 28.11 11.57 2.69
O1 SO4 L . 28.93 10.61 1.90
O2 SO4 L . 28.87 12.83 2.70
O3 SO4 L . 26.81 11.75 2.01
O4 SO4 L . 27.85 11.11 4.10
N1A CO8 M . 25.39 9.41 19.97
C2A CO8 M . 26.48 9.98 20.53
N3A CO8 M . 27.52 10.42 19.80
C4A CO8 M . 27.50 10.33 18.45
C5A CO8 M . 26.34 9.74 17.77
C6A CO8 M . 25.24 9.26 18.63
N6A CO8 M . 24.11 8.70 18.09
N7A CO8 M . 26.61 9.77 16.45
C8A CO8 M . 27.82 10.34 16.28
N9A CO8 M . 28.35 10.68 17.47
C1B CO8 M . 29.68 11.30 17.66
C2B CO8 M . 30.74 10.19 17.63
O2B CO8 M . 30.86 9.51 18.88
C3B CO8 M . 31.96 10.98 17.23
O3B CO8 M . 32.55 11.52 18.41
P3B CO8 M . 34.11 11.89 18.56
O7A CO8 M . 34.21 12.48 19.95
O8A CO8 M . 34.80 10.55 18.38
O9A CO8 M . 34.37 12.90 17.47
C4B CO8 M . 31.42 12.08 16.31
O4B CO8 M . 30.02 12.24 16.63
C5B CO8 M . 31.58 11.77 14.83
O5B CO8 M . 31.28 10.40 14.51
P1A CO8 M . 31.89 9.73 13.17
O1A CO8 M . 33.05 8.90 13.64
O2A CO8 M . 32.11 10.87 12.19
O3A CO8 M . 30.77 8.71 12.57
P2A CO8 M . 30.75 8.06 11.07
O4A CO8 M . 30.57 9.14 10.03
O5A CO8 M . 31.91 7.10 10.92
O6A CO8 M . 29.39 7.16 11.04
CBP CO8 M . 27.62 5.90 12.25
CCP CO8 M . 28.70 6.97 12.27
CDP CO8 M . 28.07 4.63 11.53
CEP CO8 M . 26.39 6.41 11.53
CAP CO8 M . 27.26 5.57 13.71
OAP CO8 M . 28.20 4.63 14.23
C9P CO8 M . 27.25 6.77 14.64
O9P CO8 M . 28.29 7.34 14.93
N8P CO8 M . 26.09 7.15 15.16
C1 GOL N . 16.74 4.69 20.60
O1 GOL N . 15.67 5.53 21.05
C2 GOL N . 16.83 4.58 19.06
O2 GOL N . 16.70 3.19 18.72
C3 GOL N . 18.15 5.00 18.40
O3 GOL N . 18.07 6.27 17.75
C1 GOL O . 0.51 12.40 8.89
O1 GOL O . -0.75 13.05 8.62
C2 GOL O . 0.35 11.06 9.63
O2 GOL O . -0.24 11.22 10.96
C3 GOL O . 1.63 10.20 9.74
O3 GOL O . 2.88 10.85 9.47
C1 GOL P . -4.35 1.17 3.45
O1 GOL P . -2.97 1.24 3.05
C2 GOL P . -4.48 0.15 4.58
O2 GOL P . -3.46 0.39 5.57
C3 GOL P . -5.87 0.18 5.24
O3 GOL P . -5.81 -0.12 6.65
S SO4 Q . -0.23 12.41 -31.87
O1 SO4 Q . 0.93 11.97 -32.70
O2 SO4 Q . -0.08 13.80 -31.38
O3 SO4 Q . -1.44 12.34 -32.74
O4 SO4 Q . -0.31 11.47 -30.72
S SO4 R . -22.06 -19.38 -9.23
O1 SO4 R . -20.95 -20.36 -9.50
O2 SO4 R . -22.48 -18.73 -10.50
O3 SO4 R . -21.70 -18.26 -8.32
O4 SO4 R . -23.17 -20.15 -8.62
S SO4 S . -11.22 10.64 -31.78
O1 SO4 S . -10.55 9.41 -32.29
O2 SO4 S . -10.11 11.51 -31.31
O3 SO4 S . -11.94 11.37 -32.84
O4 SO4 S . -12.25 10.35 -30.74
S SO4 T . -11.62 28.35 4.36
O1 SO4 T . -11.96 28.41 2.91
O2 SO4 T . -10.55 29.34 4.63
O3 SO4 T . -12.83 28.62 5.16
O4 SO4 T . -11.12 27.04 4.81
N1A CO8 U . -14.70 23.78 -18.33
C2A CO8 U . -15.35 24.38 -19.36
N3A CO8 U . -14.86 24.42 -20.62
C4A CO8 U . -13.68 23.84 -20.92
C5A CO8 U . -12.91 23.17 -19.84
C6A CO8 U . -13.51 23.17 -18.48
N6A CO8 U . -12.90 22.58 -17.42
N7A CO8 U . -11.79 22.68 -20.41
C8A CO8 U . -11.83 23.02 -21.73
N9A CO8 U . -12.94 23.71 -22.04
C1B CO8 U . -13.27 24.24 -23.39
C2B CO8 U . -12.53 25.55 -23.65
O2B CO8 U . -13.27 26.68 -23.18
C3B CO8 U . -12.33 25.55 -25.15
O3B CO8 U . -13.36 26.28 -25.81
P3B CO8 U . -13.15 26.92 -27.28
O7A CO8 U . -14.46 27.64 -27.51
O8A CO8 U . -11.95 27.83 -27.13
O9A CO8 U . -12.92 25.73 -28.19
C4B CO8 U . -12.38 24.08 -25.58
O4B CO8 U . -12.87 23.35 -24.44
C5B CO8 U . -11.02 23.58 -26.07
O5B CO8 U . -10.07 23.66 -25.00
P1A CO8 U . -8.78 24.63 -24.99
O1A CO8 U . -9.22 25.95 -24.39
O2A CO8 U . -8.20 24.56 -26.37
O3A CO8 U . -7.75 23.93 -23.93
P2A CO8 U . -6.16 23.60 -24.15
O4A CO8 U . -5.99 22.21 -24.72
O5A CO8 U . -5.50 24.77 -24.87
O6A CO8 U . -5.52 23.58 -22.67
CBP CO8 U . -5.53 23.25 -20.23
CCP CO8 U . -6.31 23.18 -21.55
CDP CO8 U . -4.43 24.31 -20.25
CEP CO8 U . -4.86 21.91 -19.91
CAP CO8 U . -6.51 23.58 -19.09
OAP CO8 U . -7.06 24.87 -19.28
C9P CO8 U . -7.69 22.62 -19.00
O9P CO8 U . -8.13 22.12 -20.01
N8P CO8 U . -8.26 22.37 -17.82
C7P CO8 U . -7.94 22.98 -16.54
C6P CO8 U . -9.11 23.81 -16.07
C5P CO8 U . -9.54 23.39 -14.67
O5P CO8 U . -8.76 23.52 -13.75
N4P CO8 U . -10.79 22.92 -14.54
C3P CO8 U . -11.35 22.61 -13.25
C2P CO8 U . -12.26 21.39 -13.23
S1P CO8 U . -11.77 20.46 -11.82
C1' CO8 U . -13.11 19.82 -11.03
O1' CO8 U . -13.82 19.02 -11.61
C2' CO8 U . -13.42 20.19 -9.57
C3' CO8 U . -14.86 20.70 -9.33
C4' CO8 U . -15.89 19.66 -8.87
C5' CO8 U . -17.22 19.79 -9.62
C6' CO8 U . -18.47 19.60 -8.78
C7' CO8 U . -19.57 18.89 -9.59
C8' CO8 U . -20.97 19.33 -9.25
C1 GOL V . -16.77 -1.53 -31.22
O1 GOL V . -15.67 -1.90 -30.41
C2 GOL V . -16.86 -2.54 -32.35
O2 GOL V . -15.62 -2.56 -33.10
C3 GOL V . -17.16 -3.92 -31.74
O3 GOL V . -18.37 -4.55 -32.24
C1 GOL W . -13.79 20.81 -8.61
O1 GOL W . -15.07 20.77 -7.97
C2 GOL W . -13.64 19.60 -9.53
O2 GOL W . -13.05 18.47 -8.84
C3 GOL W . -12.72 19.98 -10.69
O3 GOL W . -13.18 19.31 -11.86
C1 GOL X . -13.29 2.06 -5.17
O1 GOL X . -11.99 1.96 -5.79
C2 GOL X . -14.06 0.74 -5.05
O2 GOL X . -14.69 0.67 -3.76
C3 GOL X . -13.19 -0.51 -5.34
O3 GOL X . -13.94 -1.74 -5.51
#